data_6AY1
#
_entry.id   6AY1
#
_cell.length_a   63.190
_cell.length_b   93.400
_cell.length_c   208.490
_cell.angle_alpha   90.000
_cell.angle_beta   90.000
_cell.angle_gamma   90.000
#
_symmetry.space_group_name_H-M   'P 21 21 21'
#
loop_
_entity.id
_entity.type
_entity.pdbx_description
1 polymer 'Nucleoside diphosphate kinase'
2 non-polymer 'ISOPROPYL ALCOHOL'
3 non-polymer (4S)-2-METHYL-2,4-PENTANEDIOL
4 non-polymer HEXANE-1,6-DIOL
5 water water
#
_entity_poly.entity_id   1
_entity_poly.type   'polypeptide(L)'
_entity_poly.pdbx_seq_one_letter_code
;MAHHHHHHMKQRTLSIIKPDALKKKVVGKIIDRFESNGLEVIAMKRLHLSVKDAENFYAIHRERPFFKDLIEFMVSGPVV
VMVLEGKDAVAKNRDLMGATDPKLAQKGTIRADFAESIDANAVHGSDSLENAHNEIAFFFAARDL
;
_entity_poly.pdbx_strand_id   A,B,C,D,E,F,G,H
#
# COMPACT_ATOMS: atom_id res chain seq x y z
N HIS A 8 -3.58 10.95 -12.06
CA HIS A 8 -5.02 10.73 -12.04
C HIS A 8 -5.45 9.95 -10.81
N MET A 9 -4.51 9.69 -9.90
CA MET A 9 -4.78 9.00 -8.66
C MET A 9 -4.51 9.92 -7.46
N LYS A 10 -5.02 9.52 -6.29
CA LYS A 10 -4.86 10.23 -5.02
C LYS A 10 -3.51 9.88 -4.41
N GLN A 11 -2.51 10.71 -4.65
CA GLN A 11 -1.14 10.43 -4.24
C GLN A 11 -0.75 11.18 -2.98
N ARG A 12 0.39 10.76 -2.41
CA ARG A 12 1.01 11.40 -1.27
C ARG A 12 2.47 11.72 -1.62
N THR A 13 2.91 12.90 -1.24
CA THR A 13 4.25 13.36 -1.53
C THR A 13 4.78 14.08 -0.29
N LEU A 14 6.10 14.21 -0.21
CA LEU A 14 6.69 14.89 0.93
C LEU A 14 7.00 16.33 0.60
N SER A 15 6.69 17.23 1.53
CA SER A 15 7.12 18.62 1.39
C SER A 15 7.95 18.99 2.61
N ILE A 16 9.04 19.75 2.41
CA ILE A 16 9.79 20.31 3.54
C ILE A 16 9.84 21.82 3.37
N ILE A 17 9.50 22.54 4.43
CA ILE A 17 9.66 23.99 4.46
C ILE A 17 11.00 24.25 5.12
N LYS A 18 11.94 24.74 4.30
CA LYS A 18 13.36 24.77 4.63
C LYS A 18 13.67 25.88 5.63
N PRO A 19 14.86 25.87 6.24
CA PRO A 19 15.11 26.83 7.32
C PRO A 19 14.99 28.29 6.91
N ASP A 20 15.21 28.62 5.63
CA ASP A 20 15.10 30.00 5.18
C ASP A 20 13.65 30.50 5.25
N ALA A 21 12.70 29.69 4.74
CA ALA A 21 11.27 30.06 4.82
C ALA A 21 10.81 30.19 6.26
N LEU A 22 11.29 29.31 7.15
CA LEU A 22 10.91 29.41 8.56
C LEU A 22 11.38 30.73 9.17
N LYS A 23 12.61 31.14 8.86
CA LYS A 23 13.09 32.40 9.43
C LYS A 23 12.31 33.59 8.89
N LYS A 24 11.81 33.51 7.65
CA LYS A 24 10.94 34.55 7.08
C LYS A 24 9.52 34.46 7.63
N LYS A 25 9.20 33.42 8.38
CA LYS A 25 7.86 33.22 8.94
C LYS A 25 6.78 33.19 7.85
N VAL A 26 7.03 32.41 6.80
CA VAL A 26 6.07 32.22 5.72
C VAL A 26 5.54 30.79 5.70
N VAL A 27 5.60 30.08 6.82
CA VAL A 27 5.06 28.72 6.88
C VAL A 27 3.57 28.76 6.50
N GLY A 28 2.86 29.71 7.06
CA GLY A 28 1.40 29.78 6.83
C GLY A 28 1.07 30.06 5.37
N LYS A 29 1.77 31.03 4.77
CA LYS A 29 1.52 31.36 3.36
C LYS A 29 1.79 30.14 2.47
N ILE A 30 2.84 29.39 2.79
CA ILE A 30 3.22 28.24 1.98
C ILE A 30 2.23 27.10 2.17
N ILE A 31 1.90 26.77 3.42
CA ILE A 31 0.88 25.73 3.64
C ILE A 31 -0.40 26.11 2.89
N ASP A 32 -0.76 27.40 2.94
CA ASP A 32 -1.99 27.86 2.30
C ASP A 32 -1.94 27.67 0.79
N ARG A 33 -0.74 27.82 0.19
CA ARG A 33 -0.61 27.59 -1.24
C ARG A 33 -1.01 26.15 -1.59
N PHE A 34 -0.60 25.17 -0.77
CA PHE A 34 -1.02 23.79 -1.01
C PHE A 34 -2.53 23.62 -0.77
N GLU A 35 -3.04 24.17 0.34
CA GLU A 35 -4.47 23.96 0.66
C GLU A 35 -5.37 24.61 -0.37
N SER A 36 -5.00 25.78 -0.87
CA SER A 36 -5.83 26.44 -1.87
C SER A 36 -5.67 25.82 -3.25
N ASN A 37 -4.79 24.82 -3.41
CA ASN A 37 -4.57 24.27 -4.73
C ASN A 37 -4.83 22.77 -4.81
N GLY A 38 -5.73 22.26 -3.96
CA GLY A 38 -6.22 20.90 -4.06
C GLY A 38 -5.45 19.86 -3.28
N LEU A 39 -4.55 20.27 -2.41
CA LEU A 39 -3.78 19.35 -1.57
C LEU A 39 -4.19 19.50 -0.11
N GLU A 40 -4.04 18.42 0.66
CA GLU A 40 -4.30 18.47 2.09
C GLU A 40 -3.05 18.07 2.86
N VAL A 41 -2.76 18.82 3.91
CA VAL A 41 -1.70 18.44 4.84
C VAL A 41 -2.27 17.35 5.75
N ILE A 42 -1.78 16.13 5.56
CA ILE A 42 -2.24 14.99 6.34
C ILE A 42 -1.21 14.54 7.34
N ALA A 43 -0.03 15.15 7.40
CA ALA A 43 0.93 14.87 8.48
C ALA A 43 1.91 16.02 8.55
N MET A 44 2.36 16.35 9.77
CA MET A 44 3.16 17.56 9.85
C MET A 44 3.87 17.65 11.20
N LYS A 45 5.16 18.00 11.17
CA LYS A 45 5.89 18.30 12.39
C LYS A 45 7.03 19.25 12.10
N ARG A 46 7.31 20.13 13.05
CA ARG A 46 8.44 21.02 12.98
C ARG A 46 9.60 20.32 13.70
N LEU A 47 10.78 20.30 13.07
CA LEU A 47 11.89 19.58 13.68
C LEU A 47 13.20 20.24 13.26
N HIS A 48 14.28 19.85 13.93
CA HIS A 48 15.62 20.29 13.56
C HIS A 48 16.44 19.06 13.18
N LEU A 49 16.82 18.99 11.91
CA LEU A 49 17.55 17.85 11.39
C LEU A 49 18.96 17.78 11.97
N SER A 50 19.37 16.58 12.35
CA SER A 50 20.79 16.36 12.62
C SER A 50 21.55 16.23 11.30
N VAL A 51 22.87 16.34 11.38
CA VAL A 51 23.68 16.10 10.18
C VAL A 51 23.40 14.70 9.67
N LYS A 52 23.35 13.72 10.57
CA LYS A 52 23.10 12.35 10.19
C LYS A 52 21.75 12.24 9.48
N ASP A 53 20.70 12.87 10.03
CA ASP A 53 19.40 12.87 9.38
C ASP A 53 19.49 13.44 7.97
N ALA A 54 20.18 14.57 7.83
CA ALA A 54 20.22 15.25 6.53
C ALA A 54 21.02 14.45 5.52
N GLU A 55 22.13 13.83 5.94
CA GLU A 55 22.94 13.02 5.04
C GLU A 55 22.21 11.77 4.60
N ASN A 56 21.47 11.11 5.52
CA ASN A 56 20.68 9.94 5.12
C ASN A 56 19.55 10.35 4.18
N PHE A 57 18.84 11.43 4.50
CA PHE A 57 17.74 11.84 3.65
C PHE A 57 18.22 12.19 2.24
N TYR A 58 19.37 12.85 2.11
CA TYR A 58 19.90 13.24 0.81
C TYR A 58 21.01 12.33 0.31
N ALA A 59 20.99 11.05 0.73
CA ALA A 59 22.10 10.14 0.43
C ALA A 59 22.32 9.98 -1.07
N ILE A 60 21.24 10.08 -1.86
CA ILE A 60 21.36 9.92 -3.30
C ILE A 60 22.24 10.99 -3.92
N HIS A 61 22.49 12.10 -3.21
CA HIS A 61 23.28 13.21 -3.73
C HIS A 61 24.67 13.32 -3.12
N ARG A 62 25.16 12.29 -2.40
CA ARG A 62 26.41 12.44 -1.65
C ARG A 62 27.58 12.80 -2.56
N GLU A 63 27.59 12.28 -3.79
CA GLU A 63 28.62 12.62 -4.74
C GLU A 63 28.27 13.83 -5.60
N ARG A 64 27.07 14.40 -5.47
CA ARG A 64 26.77 15.61 -6.23
C ARG A 64 27.56 16.78 -5.65
N PRO A 65 27.96 17.74 -6.49
CA PRO A 65 28.80 18.83 -5.97
C PRO A 65 28.09 19.70 -4.95
N PHE A 66 26.77 19.77 -4.98
CA PHE A 66 26.08 20.61 -4.03
C PHE A 66 25.91 19.97 -2.66
N PHE A 67 26.47 18.78 -2.41
CA PHE A 67 26.13 18.00 -1.21
C PHE A 67 26.51 18.70 0.08
N LYS A 68 27.79 19.06 0.23
CA LYS A 68 28.25 19.63 1.49
C LYS A 68 27.45 20.89 1.84
N ASP A 69 27.28 21.79 0.87
CA ASP A 69 26.54 23.02 1.12
C ASP A 69 25.09 22.74 1.43
N LEU A 70 24.51 21.72 0.78
CA LEU A 70 23.13 21.34 1.05
C LEU A 70 22.95 20.89 2.50
N ILE A 71 23.86 20.03 3.01
CA ILE A 71 23.70 19.51 4.37
C ILE A 71 23.78 20.63 5.39
N GLU A 72 24.81 21.47 5.27
CA GLU A 72 25.00 22.61 6.18
C GLU A 72 23.78 23.52 6.20
N PHE A 73 23.20 23.82 5.04
CA PHE A 73 22.02 24.69 5.01
C PHE A 73 20.85 24.02 5.71
N MET A 74 20.64 22.74 5.41
CA MET A 74 19.47 22.01 5.91
C MET A 74 19.55 21.66 7.40
N VAL A 75 20.71 21.78 8.05
CA VAL A 75 20.77 21.68 9.50
C VAL A 75 20.97 23.02 10.17
N SER A 76 21.02 24.11 9.40
CA SER A 76 21.28 25.45 9.94
C SER A 76 20.12 25.99 10.76
N GLY A 77 18.96 25.35 10.72
CA GLY A 77 17.81 25.79 11.48
C GLY A 77 16.70 24.79 11.36
N PRO A 78 15.63 24.94 12.14
CA PRO A 78 14.51 24.01 12.05
C PRO A 78 13.80 24.11 10.70
N VAL A 79 13.07 23.04 10.40
CA VAL A 79 12.22 22.88 9.21
C VAL A 79 10.85 22.40 9.66
N VAL A 80 9.89 22.44 8.74
CA VAL A 80 8.57 21.83 8.88
C VAL A 80 8.47 20.76 7.80
N VAL A 81 8.20 19.53 8.20
CA VAL A 81 8.07 18.42 7.27
C VAL A 81 6.60 18.07 7.21
N MET A 82 6.09 17.79 6.01
CA MET A 82 4.67 17.58 5.83
C MET A 82 4.47 16.49 4.80
N VAL A 83 3.37 15.77 4.92
CA VAL A 83 2.90 14.92 3.84
C VAL A 83 1.67 15.57 3.20
N LEU A 84 1.73 15.76 1.90
CA LEU A 84 0.63 16.36 1.14
C LEU A 84 -0.11 15.28 0.39
N GLU A 85 -1.43 15.38 0.37
CA GLU A 85 -2.28 14.39 -0.27
C GLU A 85 -3.25 15.10 -1.21
N GLY A 86 -3.44 14.49 -2.37
CA GLY A 86 -4.35 15.02 -3.35
C GLY A 86 -4.09 14.36 -4.68
N LYS A 87 -4.93 14.71 -5.64
CA LYS A 87 -4.82 14.16 -6.98
C LYS A 87 -3.53 14.64 -7.61
N ASP A 88 -2.75 13.69 -8.12
CA ASP A 88 -1.51 14.01 -8.82
C ASP A 88 -0.58 14.80 -7.90
N ALA A 89 -0.53 14.40 -6.62
CA ALA A 89 0.11 15.23 -5.60
C ALA A 89 1.58 15.45 -5.90
N VAL A 90 2.27 14.40 -6.36
CA VAL A 90 3.69 14.54 -6.64
C VAL A 90 3.93 15.62 -7.69
N ALA A 91 3.20 15.54 -8.80
CA ALA A 91 3.35 16.52 -9.87
C ALA A 91 2.77 17.87 -9.46
N LYS A 92 1.66 17.89 -8.73
CA LYS A 92 1.05 19.17 -8.35
C LYS A 92 1.97 19.95 -7.42
N ASN A 93 2.54 19.27 -6.42
CA ASN A 93 3.54 19.89 -5.55
C ASN A 93 4.70 20.53 -6.35
N ARG A 94 5.25 19.80 -7.31
CA ARG A 94 6.36 20.36 -8.09
C ARG A 94 5.90 21.57 -8.90
N ASP A 95 4.67 21.55 -9.43
CA ASP A 95 4.18 22.68 -10.21
C ASP A 95 4.08 23.94 -9.35
N LEU A 96 3.57 23.79 -8.14
CA LEU A 96 3.39 24.90 -7.21
C LEU A 96 4.71 25.41 -6.66
N MET A 97 5.70 24.52 -6.46
CA MET A 97 7.02 24.96 -6.01
C MET A 97 7.71 25.81 -7.07
N GLY A 98 7.63 25.40 -8.33
CA GLY A 98 8.39 26.04 -9.38
C GLY A 98 9.82 25.49 -9.45
N ALA A 99 10.57 25.98 -10.43
CA ALA A 99 11.91 25.47 -10.72
C ALA A 99 12.80 25.54 -9.48
N THR A 100 13.66 24.52 -9.34
CA THR A 100 14.53 24.45 -8.18
C THR A 100 15.20 25.78 -7.91
N ASP A 101 15.62 26.43 -8.99
CA ASP A 101 16.29 27.72 -8.96
C ASP A 101 15.24 28.82 -9.05
N PRO A 102 15.16 29.72 -8.07
CA PRO A 102 14.15 30.78 -8.15
C PRO A 102 14.29 31.67 -9.38
N LYS A 103 15.52 31.88 -9.84
CA LYS A 103 15.74 32.73 -11.02
C LYS A 103 15.06 32.19 -12.27
N LEU A 104 14.75 30.89 -12.30
CA LEU A 104 14.04 30.29 -13.43
C LEU A 104 12.56 30.03 -13.15
N ALA A 105 12.13 30.11 -11.90
CA ALA A 105 10.78 29.74 -11.53
C ALA A 105 9.77 30.69 -12.14
N GLN A 106 8.66 30.14 -12.63
CA GLN A 106 7.56 30.95 -13.14
C GLN A 106 6.99 31.83 -12.04
N LYS A 107 6.54 33.02 -12.43
CA LYS A 107 5.93 33.94 -11.48
C LYS A 107 4.78 33.25 -10.75
N GLY A 108 4.63 33.58 -9.48
CA GLY A 108 3.55 33.03 -8.70
C GLY A 108 3.82 31.68 -8.05
N THR A 109 4.97 31.06 -8.31
CA THR A 109 5.31 29.84 -7.59
C THR A 109 5.92 30.17 -6.22
N ILE A 110 6.01 29.14 -5.37
CA ILE A 110 6.58 29.31 -4.03
C ILE A 110 8.03 29.82 -4.12
N ARG A 111 8.84 29.17 -4.97
CA ARG A 111 10.24 29.62 -5.03
C ARG A 111 10.34 30.99 -5.65
N ALA A 112 9.49 31.31 -6.61
CA ALA A 112 9.47 32.67 -7.11
C ALA A 112 9.10 33.65 -5.99
N ASP A 113 8.11 33.29 -5.17
CA ASP A 113 7.60 34.20 -4.17
C ASP A 113 8.49 34.26 -2.93
N PHE A 114 9.07 33.14 -2.51
CA PHE A 114 9.71 33.11 -1.20
C PHE A 114 11.19 32.71 -1.19
N ALA A 115 11.80 32.41 -2.33
CA ALA A 115 13.18 31.93 -2.33
C ALA A 115 14.13 33.02 -2.81
N GLU A 116 15.32 33.03 -2.20
CA GLU A 116 16.32 34.01 -2.53
C GLU A 116 17.35 33.47 -3.51
N SER A 117 17.76 32.21 -3.35
CA SER A 117 18.78 31.62 -4.20
C SER A 117 18.50 30.15 -4.38
N ILE A 118 19.25 29.53 -5.31
CA ILE A 118 19.08 28.11 -5.51
C ILE A 118 19.52 27.37 -4.25
N ASP A 119 20.49 27.95 -3.52
CA ASP A 119 20.94 27.34 -2.28
C ASP A 119 19.90 27.45 -1.16
N ALA A 120 19.10 28.51 -1.13
CA ALA A 120 18.08 28.69 -0.08
C ALA A 120 16.75 28.93 -0.80
N ASN A 121 16.17 27.84 -1.30
CA ASN A 121 15.06 27.93 -2.23
C ASN A 121 13.74 27.50 -1.57
N ALA A 122 13.59 27.76 -0.27
CA ALA A 122 12.34 27.76 0.50
C ALA A 122 11.72 26.40 0.80
N VAL A 123 11.61 25.52 -0.20
CA VAL A 123 10.87 24.27 -0.04
C VAL A 123 11.61 23.11 -0.73
N HIS A 124 11.39 21.92 -0.19
CA HIS A 124 11.66 20.65 -0.85
C HIS A 124 10.33 20.00 -1.23
N GLY A 125 10.35 19.25 -2.34
CA GLY A 125 9.23 18.37 -2.69
C GLY A 125 9.78 17.13 -3.38
N SER A 126 9.19 15.97 -3.12
CA SER A 126 9.64 14.73 -3.74
C SER A 126 9.58 14.85 -5.26
N ASP A 127 10.64 14.38 -5.95
CA ASP A 127 10.69 14.57 -7.40
C ASP A 127 10.06 13.41 -8.17
N SER A 128 9.61 12.37 -7.49
CA SER A 128 9.02 11.22 -8.19
C SER A 128 8.21 10.42 -7.18
N LEU A 129 7.34 9.57 -7.72
CA LEU A 129 6.50 8.73 -6.86
C LEU A 129 7.36 7.77 -6.03
N GLU A 130 8.44 7.26 -6.64
CA GLU A 130 9.35 6.37 -5.92
C GLU A 130 10.06 7.10 -4.79
N ASN A 131 10.58 8.30 -5.07
CA ASN A 131 11.22 9.04 -4.00
C ASN A 131 10.22 9.48 -2.93
N ALA A 132 8.98 9.79 -3.34
CA ALA A 132 7.95 10.14 -2.35
C ALA A 132 7.73 9.02 -1.34
N HIS A 133 7.72 7.77 -1.80
CA HIS A 133 7.52 6.66 -0.87
C HIS A 133 8.62 6.60 0.18
N ASN A 134 9.87 6.71 -0.26
CA ASN A 134 11.00 6.61 0.67
C ASN A 134 11.07 7.83 1.58
N GLU A 135 10.84 9.02 1.03
CA GLU A 135 10.94 10.25 1.84
C GLU A 135 9.82 10.32 2.90
N ILE A 136 8.59 9.94 2.57
CA ILE A 136 7.54 9.88 3.59
C ILE A 136 7.92 8.89 4.68
N ALA A 137 8.42 7.71 4.28
CA ALA A 137 8.78 6.67 5.23
C ALA A 137 9.99 7.06 6.06
N PHE A 138 10.84 7.94 5.54
CA PHE A 138 11.99 8.39 6.31
C PHE A 138 11.53 9.21 7.52
N PHE A 139 10.49 10.01 7.38
CA PHE A 139 10.07 10.90 8.45
C PHE A 139 8.86 10.40 9.25
N PHE A 140 8.05 9.47 8.73
CA PHE A 140 6.82 9.08 9.39
C PHE A 140 6.67 7.57 9.43
N ALA A 141 6.37 7.04 10.62
CA ALA A 141 5.91 5.68 10.72
C ALA A 141 4.55 5.55 10.04
N ALA A 142 4.29 4.39 9.46
CA ALA A 142 3.05 4.23 8.70
C ALA A 142 1.81 4.40 9.59
N ARG A 143 1.90 4.09 10.89
CA ARG A 143 0.73 4.31 11.75
C ARG A 143 0.42 5.79 11.93
N ASP A 144 1.35 6.67 11.63
CA ASP A 144 1.10 8.10 11.78
C ASP A 144 0.41 8.73 10.57
N LEU A 145 0.14 7.96 9.54
CA LEU A 145 -0.51 8.47 8.33
C LEU A 145 -1.85 7.76 8.14
N MET B 9 11.27 38.66 27.98
CA MET B 9 10.86 39.66 27.02
C MET B 9 9.85 39.09 26.03
N LYS B 10 9.94 37.78 25.81
CA LYS B 10 9.05 37.09 24.89
C LYS B 10 8.28 36.01 25.63
N GLN B 11 6.98 35.92 25.37
CA GLN B 11 6.13 34.93 25.99
C GLN B 11 5.85 33.80 25.03
N ARG B 12 5.37 32.69 25.58
CA ARG B 12 4.95 31.52 24.82
C ARG B 12 3.54 31.16 25.26
N THR B 13 2.69 30.81 24.29
CA THR B 13 1.33 30.39 24.57
C THR B 13 1.03 29.21 23.64
N LEU B 14 0.00 28.46 23.99
CA LEU B 14 -0.42 27.31 23.21
C LEU B 14 -1.52 27.68 22.25
N SER B 15 -1.44 27.15 21.04
CA SER B 15 -2.50 27.27 20.07
C SER B 15 -2.87 25.88 19.58
N ILE B 16 -4.17 25.65 19.38
CA ILE B 16 -4.68 24.45 18.76
C ILE B 16 -5.60 24.85 17.62
N ILE B 17 -5.38 24.28 16.44
CA ILE B 17 -6.28 24.43 15.33
C ILE B 17 -7.19 23.23 15.38
N LYS B 18 -8.49 23.48 15.65
CA LYS B 18 -9.46 22.46 15.99
C LYS B 18 -9.87 21.64 14.77
N PRO B 19 -10.57 20.50 14.95
CA PRO B 19 -10.79 19.61 13.80
C PRO B 19 -11.62 20.20 12.66
N ASP B 20 -12.61 21.05 12.95
CA ASP B 20 -13.40 21.72 11.90
CA ASP B 20 -13.37 21.62 11.84
C ASP B 20 -12.52 22.57 11.00
N ALA B 21 -11.57 23.29 11.60
CA ALA B 21 -10.68 24.16 10.81
C ALA B 21 -9.77 23.36 9.91
N LEU B 22 -9.28 22.21 10.38
CA LEU B 22 -8.45 21.35 9.52
C LEU B 22 -9.26 20.82 8.35
N LYS B 23 -10.49 20.40 8.61
CA LYS B 23 -11.30 19.87 7.51
C LYS B 23 -11.64 20.95 6.50
N LYS B 24 -11.72 22.20 6.93
CA LYS B 24 -11.87 23.29 5.98
C LYS B 24 -10.55 23.62 5.27
N LYS B 25 -9.44 23.02 5.71
CA LYS B 25 -8.12 23.28 5.12
C LYS B 25 -7.76 24.76 5.20
N VAL B 26 -7.93 25.35 6.37
CA VAL B 26 -7.52 26.73 6.60
C VAL B 26 -6.32 26.80 7.55
N VAL B 27 -5.56 25.70 7.67
CA VAL B 27 -4.42 25.70 8.59
C VAL B 27 -3.43 26.81 8.20
N GLY B 28 -3.19 26.94 6.90
CA GLY B 28 -2.21 27.93 6.45
C GLY B 28 -2.65 29.36 6.74
N LYS B 29 -3.92 29.67 6.45
CA LYS B 29 -4.40 31.02 6.72
C LYS B 29 -4.32 31.32 8.20
N ILE B 30 -4.66 30.33 9.05
CA ILE B 30 -4.61 30.57 10.48
C ILE B 30 -3.17 30.75 10.95
N ILE B 31 -2.25 29.87 10.53
CA ILE B 31 -0.83 30.06 10.87
C ILE B 31 -0.36 31.43 10.39
N ASP B 32 -0.78 31.83 9.18
CA ASP B 32 -0.37 33.12 8.65
C ASP B 32 -0.93 34.28 9.46
N ARG B 33 -2.11 34.12 10.07
CA ARG B 33 -2.59 35.20 10.92
C ARG B 33 -1.62 35.47 12.07
N PHE B 34 -1.12 34.40 12.72
CA PHE B 34 -0.19 34.59 13.84
C PHE B 34 1.16 35.11 13.33
N GLU B 35 1.68 34.51 12.26
CA GLU B 35 3.01 34.89 11.77
C GLU B 35 3.03 36.35 11.31
N SER B 36 1.99 36.77 10.60
CA SER B 36 2.00 38.13 10.09
C SER B 36 1.70 39.16 11.17
N ASN B 37 1.35 38.72 12.39
CA ASN B 37 1.02 39.66 13.45
C ASN B 37 2.06 39.66 14.58
N GLY B 38 3.30 39.27 14.27
CA GLY B 38 4.38 39.38 15.23
C GLY B 38 4.61 38.17 16.12
N LEU B 39 3.97 37.05 15.84
CA LEU B 39 4.19 35.83 16.60
C LEU B 39 4.90 34.82 15.72
N GLU B 40 5.65 33.93 16.35
CA GLU B 40 6.37 32.91 15.62
C GLU B 40 5.91 31.54 16.08
N VAL B 41 5.71 30.62 15.14
CA VAL B 41 5.48 29.23 15.49
C VAL B 41 6.85 28.58 15.80
N ILE B 42 7.08 28.24 17.07
CA ILE B 42 8.35 27.62 17.47
C ILE B 42 8.25 26.14 17.82
N ALA B 43 7.06 25.56 17.76
CA ALA B 43 6.88 24.11 17.88
C ALA B 43 5.51 23.82 17.30
N MET B 44 5.35 22.63 16.71
CA MET B 44 4.13 22.34 15.97
C MET B 44 4.07 20.88 15.59
N LYS B 45 2.91 20.26 15.78
CA LYS B 45 2.68 18.92 15.25
C LYS B 45 1.19 18.74 15.01
N ARG B 46 0.87 17.93 14.00
CA ARG B 46 -0.48 17.48 13.74
C ARG B 46 -0.67 16.14 14.44
N LEU B 47 -1.77 16.01 15.18
CA LEU B 47 -1.99 14.80 15.94
C LEU B 47 -3.49 14.61 16.08
N HIS B 48 -3.89 13.42 16.47
CA HIS B 48 -5.29 13.09 16.72
C HIS B 48 -5.39 12.76 18.19
N LEU B 49 -6.06 13.61 18.95
CA LEU B 49 -6.23 13.39 20.37
C LEU B 49 -7.05 12.14 20.66
N SER B 50 -6.62 11.39 21.66
CA SER B 50 -7.46 10.35 22.25
C SER B 50 -8.50 10.97 23.17
N VAL B 51 -9.50 10.16 23.55
CA VAL B 51 -10.47 10.62 24.54
C VAL B 51 -9.74 11.00 25.82
N LYS B 52 -8.76 10.18 26.21
CA LYS B 52 -7.98 10.42 27.41
C LYS B 52 -7.23 11.74 27.35
N ASP B 53 -6.52 12.00 26.23
CA ASP B 53 -5.86 13.29 26.05
C ASP B 53 -6.86 14.43 26.22
N ALA B 54 -7.98 14.34 25.52
CA ALA B 54 -8.92 15.46 25.51
C ALA B 54 -9.54 15.68 26.88
N GLU B 55 -9.88 14.59 27.58
CA GLU B 55 -10.44 14.74 28.92
C GLU B 55 -9.42 15.32 29.91
N ASN B 56 -8.15 14.90 29.79
CA ASN B 56 -7.12 15.45 30.68
C ASN B 56 -6.91 16.93 30.37
N PHE B 57 -6.80 17.28 29.09
CA PHE B 57 -6.54 18.67 28.74
C PHE B 57 -7.67 19.57 29.23
N TYR B 58 -8.91 19.14 29.07
CA TYR B 58 -10.06 19.94 29.48
C TYR B 58 -10.61 19.50 30.82
N ALA B 59 -9.78 18.93 31.70
CA ALA B 59 -10.28 18.36 32.95
C ALA B 59 -11.03 19.39 33.78
N ILE B 60 -10.64 20.66 33.68
CA ILE B 60 -11.26 21.69 34.49
C ILE B 60 -12.75 21.85 34.17
N HIS B 61 -13.21 21.35 33.02
CA HIS B 61 -14.60 21.51 32.62
C HIS B 61 -15.43 20.23 32.78
N ARG B 62 -14.92 19.27 33.55
CA ARG B 62 -15.51 17.93 33.59
C ARG B 62 -16.99 17.96 33.99
N GLU B 63 -17.37 18.84 34.91
CA GLU B 63 -18.73 18.86 35.43
C GLU B 63 -19.65 19.84 34.72
N ARG B 64 -19.14 20.60 33.74
CA ARG B 64 -19.95 21.53 32.98
C ARG B 64 -20.83 20.79 31.97
N PRO B 65 -21.98 21.35 31.62
CA PRO B 65 -22.92 20.62 30.77
C PRO B 65 -22.42 20.34 29.36
N PHE B 66 -21.48 21.12 28.83
CA PHE B 66 -21.00 20.92 27.48
C PHE B 66 -19.81 19.94 27.40
N PHE B 67 -19.38 19.33 28.52
CA PHE B 67 -18.16 18.55 28.54
C PHE B 67 -18.21 17.41 27.53
N LYS B 68 -19.29 16.62 27.55
CA LYS B 68 -19.38 15.48 26.66
C LYS B 68 -19.27 15.91 25.19
N ASP B 69 -20.00 16.95 24.80
CA ASP B 69 -19.94 17.40 23.42
C ASP B 69 -18.56 17.95 23.09
N LEU B 70 -17.94 18.66 24.03
CA LEU B 70 -16.60 19.18 23.79
C LEU B 70 -15.62 18.04 23.52
N ILE B 71 -15.68 16.97 24.31
CA ILE B 71 -14.74 15.86 24.09
C ILE B 71 -14.97 15.20 22.74
N GLU B 72 -16.23 14.89 22.41
CA GLU B 72 -16.53 14.27 21.13
C GLU B 72 -16.05 15.13 19.96
N PHE B 73 -16.19 16.44 20.08
CA PHE B 73 -15.77 17.29 18.98
C PHE B 73 -14.26 17.29 18.84
N MET B 74 -13.53 17.39 19.96
CA MET B 74 -12.07 17.46 19.95
C MET B 74 -11.41 16.14 19.57
N VAL B 75 -12.12 15.01 19.56
CA VAL B 75 -11.60 13.77 18.99
C VAL B 75 -12.22 13.44 17.65
N SER B 76 -13.09 14.33 17.12
CA SER B 76 -13.79 14.05 15.87
C SER B 76 -12.87 14.08 14.65
N GLY B 77 -11.65 14.56 14.81
CA GLY B 77 -10.69 14.60 13.72
C GLY B 77 -9.37 15.09 14.25
N PRO B 78 -8.33 15.05 13.43
CA PRO B 78 -7.02 15.53 13.88
C PRO B 78 -7.04 17.03 14.12
N VAL B 79 -6.02 17.48 14.86
CA VAL B 79 -5.78 18.89 15.16
C VAL B 79 -4.31 19.21 14.86
N VAL B 80 -3.99 20.51 14.88
CA VAL B 80 -2.61 21.01 14.88
C VAL B 80 -2.37 21.73 16.21
N VAL B 81 -1.35 21.30 16.96
CA VAL B 81 -1.00 21.99 18.21
C VAL B 81 0.30 22.76 17.94
N MET B 82 0.41 23.96 18.48
CA MET B 82 1.52 24.85 18.18
C MET B 82 1.89 25.63 19.41
N VAL B 83 3.16 25.99 19.51
CA VAL B 83 3.61 26.98 20.48
C VAL B 83 3.90 28.28 19.73
N LEU B 84 3.25 29.36 20.15
CA LEU B 84 3.42 30.68 19.57
C LEU B 84 4.26 31.54 20.49
N GLU B 85 5.21 32.28 19.92
CA GLU B 85 6.14 33.06 20.71
C GLU B 85 6.15 34.49 20.21
N GLY B 86 6.22 35.43 21.14
CA GLY B 86 6.30 36.82 20.77
C GLY B 86 6.04 37.71 21.97
N LYS B 87 6.20 39.02 21.76
CA LYS B 87 5.94 39.96 22.83
C LYS B 87 4.45 39.92 23.18
N ASP B 88 4.14 39.78 24.47
CA ASP B 88 2.76 39.74 24.96
C ASP B 88 1.96 38.63 24.28
N ALA B 89 2.62 37.49 24.05
CA ALA B 89 2.06 36.43 23.21
C ALA B 89 0.71 35.93 23.73
N VAL B 90 0.53 35.78 25.05
CA VAL B 90 -0.73 35.26 25.60
C VAL B 90 -1.91 36.17 25.25
N ALA B 91 -1.80 37.46 25.53
CA ALA B 91 -2.89 38.39 25.26
C ALA B 91 -3.08 38.62 23.75
N LYS B 92 -1.98 38.63 22.99
CA LYS B 92 -2.09 38.88 21.55
C LYS B 92 -2.81 37.75 20.85
N ASN B 93 -2.50 36.50 21.23
CA ASN B 93 -3.20 35.33 20.73
C ASN B 93 -4.70 35.46 20.98
N ARG B 94 -5.07 35.87 22.19
CA ARG B 94 -6.49 36.05 22.52
C ARG B 94 -7.12 37.12 21.65
N ASP B 95 -6.37 38.21 21.38
CA ASP B 95 -6.89 39.28 20.52
C ASP B 95 -7.14 38.77 19.10
N LEU B 96 -6.18 38.02 18.57
CA LEU B 96 -6.25 37.52 17.21
C LEU B 96 -7.29 36.42 17.04
N MET B 97 -7.47 35.57 18.07
CA MET B 97 -8.52 34.56 18.04
C MET B 97 -9.90 35.19 18.09
N GLY B 98 -10.09 36.22 18.91
CA GLY B 98 -11.38 36.80 19.16
C GLY B 98 -12.10 36.06 20.28
N ALA B 99 -13.25 36.59 20.65
CA ALA B 99 -14.04 36.01 21.75
C ALA B 99 -14.32 34.53 21.49
N THR B 100 -14.37 33.77 22.60
CA THR B 100 -14.59 32.32 22.53
C THR B 100 -15.80 31.98 21.69
N ASP B 101 -16.86 32.77 21.80
CA ASP B 101 -18.05 32.57 21.02
C ASP B 101 -17.89 33.36 19.72
N PRO B 102 -17.91 32.69 18.55
CA PRO B 102 -17.76 33.44 17.29
C PRO B 102 -18.79 34.54 17.12
N LYS B 103 -20.03 34.33 17.60
CA LYS B 103 -21.03 35.38 17.48
C LYS B 103 -20.63 36.63 18.25
N LEU B 104 -19.79 36.51 19.28
CA LEU B 104 -19.39 37.70 20.03
C LEU B 104 -18.01 38.20 19.62
N ALA B 105 -17.30 37.46 18.79
CA ALA B 105 -15.94 37.85 18.40
C ALA B 105 -15.97 39.09 17.53
N GLN B 106 -15.06 40.01 17.82
CA GLN B 106 -14.82 41.16 16.95
C GLN B 106 -14.60 40.74 15.50
N LYS B 107 -15.18 41.52 14.60
CA LYS B 107 -14.97 41.32 13.17
C LYS B 107 -13.48 41.25 12.84
N GLY B 108 -13.14 40.36 11.93
CA GLY B 108 -11.76 40.24 11.47
C GLY B 108 -10.87 39.37 12.33
N THR B 109 -11.38 38.84 13.44
CA THR B 109 -10.60 37.89 14.22
C THR B 109 -10.70 36.50 13.58
N ILE B 110 -9.85 35.58 14.06
CA ILE B 110 -9.86 34.22 13.53
C ILE B 110 -11.21 33.56 13.76
N ARG B 111 -11.78 33.71 14.96
CA ARG B 111 -13.05 33.05 15.19
C ARG B 111 -14.17 33.66 14.37
N ALA B 112 -14.17 34.98 14.16
CA ALA B 112 -15.19 35.57 13.31
C ALA B 112 -15.02 35.13 11.86
N ASP B 113 -13.76 35.05 11.37
CA ASP B 113 -13.52 34.73 9.97
C ASP B 113 -13.73 33.26 9.65
N PHE B 114 -13.43 32.36 10.57
CA PHE B 114 -13.39 30.93 10.28
C PHE B 114 -14.34 30.09 11.10
N ALA B 115 -15.04 30.65 12.07
CA ALA B 115 -16.00 29.90 12.90
C ALA B 115 -17.37 30.57 12.86
N GLU B 116 -18.41 29.74 13.08
CA GLU B 116 -19.81 30.17 13.18
C GLU B 116 -20.42 30.05 14.58
N SER B 117 -20.08 29.03 15.37
CA SER B 117 -20.73 28.85 16.66
C SER B 117 -19.73 28.34 17.71
N ILE B 118 -20.16 28.42 18.97
CA ILE B 118 -19.29 28.08 20.08
C ILE B 118 -18.91 26.61 20.07
N ASP B 119 -19.76 25.76 19.48
CA ASP B 119 -19.50 24.33 19.43
C ASP B 119 -18.28 23.98 18.58
N ALA B 120 -18.03 24.73 17.50
CA ALA B 120 -16.90 24.49 16.60
C ALA B 120 -16.22 25.83 16.31
N ASN B 121 -15.31 26.27 17.18
CA ASN B 121 -14.82 27.64 17.08
C ASN B 121 -13.36 27.76 16.63
N ALA B 122 -12.90 26.84 15.76
CA ALA B 122 -11.68 26.95 14.96
C ALA B 122 -10.36 26.78 15.72
N VAL B 123 -10.20 27.48 16.84
CA VAL B 123 -8.92 27.53 17.54
C VAL B 123 -9.14 27.53 19.04
N HIS B 124 -8.15 27.00 19.76
CA HIS B 124 -7.95 27.17 21.19
C HIS B 124 -6.71 28.03 21.40
N GLY B 125 -6.72 28.81 22.47
CA GLY B 125 -5.50 29.47 22.90
C GLY B 125 -5.48 29.63 24.41
N SER B 126 -4.31 29.50 25.04
CA SER B 126 -4.21 29.60 26.50
C SER B 126 -4.79 30.90 27.04
N ASP B 127 -5.53 30.82 28.15
CA ASP B 127 -6.19 32.04 28.63
C ASP B 127 -5.36 32.84 29.62
N SER B 128 -4.17 32.36 29.98
CA SER B 128 -3.31 33.05 30.95
C SER B 128 -1.89 32.49 30.86
N LEU B 129 -0.95 33.24 31.44
CA LEU B 129 0.44 32.80 31.45
C LEU B 129 0.61 31.50 32.23
N GLU B 130 -0.09 31.36 33.36
CA GLU B 130 0.01 30.12 34.14
C GLU B 130 -0.51 28.93 33.32
N ASN B 131 -1.69 29.09 32.71
CA ASN B 131 -2.24 28.02 31.89
C ASN B 131 -1.40 27.77 30.64
N ALA B 132 -0.81 28.82 30.06
CA ALA B 132 0.05 28.58 28.91
C ALA B 132 1.22 27.66 29.27
N HIS B 133 1.86 27.90 30.41
CA HIS B 133 2.97 27.03 30.81
C HIS B 133 2.52 25.59 30.92
N ASN B 134 1.36 25.35 31.56
CA ASN B 134 0.86 23.98 31.71
C ASN B 134 0.41 23.39 30.38
N GLU B 135 -0.28 24.18 29.55
CA GLU B 135 -0.79 23.62 28.29
C GLU B 135 0.34 23.34 27.30
N ILE B 136 1.35 24.22 27.22
CA ILE B 136 2.52 23.91 26.41
C ILE B 136 3.19 22.63 26.90
N ALA B 137 3.33 22.47 28.22
CA ALA B 137 4.02 21.27 28.75
C ALA B 137 3.22 20.01 28.50
N PHE B 138 1.89 20.13 28.39
CA PHE B 138 1.05 18.98 28.11
C PHE B 138 1.34 18.41 26.73
N PHE B 139 1.65 19.24 25.73
CA PHE B 139 1.83 18.71 24.39
C PHE B 139 3.29 18.59 23.94
N PHE B 140 4.23 19.29 24.58
CA PHE B 140 5.61 19.33 24.10
C PHE B 140 6.58 19.09 25.24
N ALA B 141 7.54 18.18 25.02
CA ALA B 141 8.68 18.08 25.92
C ALA B 141 9.50 19.35 25.78
N ALA B 142 10.07 19.80 26.90
CA ALA B 142 10.72 21.10 26.87
C ALA B 142 11.93 21.11 25.93
N ARG B 143 12.56 19.95 25.69
CA ARG B 143 13.66 19.91 24.74
C ARG B 143 13.22 20.21 23.31
N ASP B 144 11.91 20.16 23.04
CA ASP B 144 11.39 20.49 21.71
C ASP B 144 11.12 21.99 21.55
N LEU B 145 11.44 22.79 22.56
CA LEU B 145 11.18 24.21 22.51
C LEU B 145 12.48 25.01 22.51
N MET C 9 0.05 8.73 46.53
CA MET C 9 1.19 8.47 47.41
C MET C 9 2.48 8.23 46.64
N LYS C 10 2.49 8.59 45.35
CA LYS C 10 3.58 8.23 44.45
C LYS C 10 4.27 9.47 43.89
N GLN C 11 5.59 9.44 43.85
CA GLN C 11 6.38 10.47 43.20
C GLN C 11 6.88 9.97 41.85
N ARG C 12 7.32 10.90 41.03
CA ARG C 12 7.87 10.56 39.74
C ARG C 12 9.26 11.16 39.66
N THR C 13 10.19 10.41 39.09
CA THR C 13 11.55 10.89 38.91
C THR C 13 12.05 10.47 37.54
N LEU C 14 13.12 11.13 37.09
CA LEU C 14 13.74 10.84 35.81
C LEU C 14 14.90 9.87 35.99
N SER C 15 14.99 8.91 35.08
CA SER C 15 16.15 8.05 34.94
C SER C 15 16.62 8.08 33.50
N ILE C 16 17.94 8.12 33.31
CA ILE C 16 18.55 8.00 31.99
C ILE C 16 19.53 6.84 32.05
N ILE C 17 19.41 5.91 31.11
CA ILE C 17 20.37 4.82 31.00
C ILE C 17 21.42 5.30 30.00
N LYS C 18 22.60 5.59 30.51
CA LYS C 18 23.60 6.33 29.74
C LYS C 18 24.20 5.46 28.63
N PRO C 19 24.90 6.08 27.66
CA PRO C 19 25.30 5.28 26.49
C PRO C 19 26.20 4.10 26.84
N ASP C 20 26.99 4.21 27.92
CA ASP C 20 27.87 3.10 28.31
C ASP C 20 27.08 1.86 28.69
N ALA C 21 25.98 2.03 29.42
CA ALA C 21 25.19 0.87 29.82
C ALA C 21 24.44 0.27 28.63
N LEU C 22 24.01 1.14 27.70
CA LEU C 22 23.37 0.63 26.48
C LEU C 22 24.35 -0.23 25.68
N LYS C 23 25.62 0.19 25.58
CA LYS C 23 26.61 -0.61 24.85
C LYS C 23 26.89 -1.92 25.57
N LYS C 24 26.83 -1.94 26.89
CA LYS C 24 26.94 -3.20 27.63
C LYS C 24 25.67 -4.04 27.57
N LYS C 25 24.57 -3.50 27.02
CA LYS C 25 23.30 -4.22 26.89
C LYS C 25 22.78 -4.69 28.25
N VAL C 26 22.82 -3.77 29.22
CA VAL C 26 22.26 -4.02 30.55
C VAL C 26 20.99 -3.21 30.76
N VAL C 27 20.29 -2.85 29.68
CA VAL C 27 19.04 -2.10 29.79
C VAL C 27 18.01 -2.88 30.60
N GLY C 28 17.85 -4.16 30.27
CA GLY C 28 16.83 -4.97 30.94
C GLY C 28 17.08 -5.14 32.42
N LYS C 29 18.34 -5.46 32.79
CA LYS C 29 18.70 -5.64 34.19
C LYS C 29 18.49 -4.36 34.97
N ILE C 30 18.82 -3.22 34.38
CA ILE C 30 18.66 -1.96 35.09
C ILE C 30 17.18 -1.64 35.30
N ILE C 31 16.36 -1.76 34.24
CA ILE C 31 14.93 -1.52 34.39
C ILE C 31 14.36 -2.46 35.45
N ASP C 32 14.81 -3.72 35.46
CA ASP C 32 14.33 -4.71 36.43
C ASP C 32 14.68 -4.33 37.86
N ARG C 33 15.84 -3.70 38.07
CA ARG C 33 16.19 -3.22 39.39
C ARG C 33 15.13 -2.24 39.90
N PHE C 34 14.67 -1.33 39.05
CA PHE C 34 13.64 -0.39 39.46
C PHE C 34 12.30 -1.11 39.67
N GLU C 35 11.90 -1.94 38.71
CA GLU C 35 10.59 -2.58 38.78
C GLU C 35 10.50 -3.53 39.96
N SER C 36 11.58 -4.27 40.22
CA SER C 36 11.57 -5.20 41.33
C SER C 36 11.71 -4.51 42.67
N ASN C 37 11.92 -3.19 42.70
CA ASN C 37 12.10 -2.45 43.94
C ASN C 37 10.97 -1.45 44.20
N GLY C 38 9.78 -1.73 43.67
CA GLY C 38 8.59 -0.95 44.00
C GLY C 38 8.33 0.24 43.11
N LEU C 39 9.04 0.37 42.00
CA LEU C 39 8.85 1.44 41.04
C LEU C 39 8.26 0.91 39.73
N GLU C 40 7.54 1.78 39.03
CA GLU C 40 6.96 1.45 37.73
C GLU C 40 7.52 2.41 36.67
N VAL C 41 7.89 1.87 35.51
CA VAL C 41 8.27 2.71 34.38
C VAL C 41 6.98 3.15 33.69
N ILE C 42 6.64 4.43 33.84
CA ILE C 42 5.38 4.93 33.27
C ILE C 42 5.59 5.74 32.00
N ALA C 43 6.84 5.93 31.58
CA ALA C 43 7.13 6.53 30.29
C ALA C 43 8.56 6.16 29.94
N MET C 44 8.82 5.99 28.64
CA MET C 44 10.14 5.49 28.23
C MET C 44 10.38 5.65 26.74
N LYS C 45 11.56 6.14 26.35
CA LYS C 45 11.97 6.14 24.95
C LYS C 45 13.48 6.08 24.82
N ARG C 46 13.93 5.40 23.78
CA ARG C 46 15.34 5.39 23.41
C ARG C 46 15.57 6.53 22.44
N LEU C 47 16.61 7.30 22.67
CA LEU C 47 16.86 8.46 21.80
C LEU C 47 18.34 8.76 21.82
N HIS C 48 18.76 9.60 20.86
CA HIS C 48 20.12 10.09 20.78
C HIS C 48 20.10 11.60 21.00
N LEU C 49 20.71 12.05 22.10
CA LEU C 49 20.82 13.46 22.39
C LEU C 49 21.67 14.21 21.36
N SER C 50 21.23 15.40 21.01
CA SER C 50 22.05 16.40 20.33
C SER C 50 22.94 17.11 21.35
N VAL C 51 23.96 17.82 20.84
CA VAL C 51 24.78 18.65 21.71
C VAL C 51 23.92 19.70 22.40
N LYS C 52 22.96 20.29 21.67
CA LYS C 52 22.06 21.28 22.25
C LYS C 52 21.18 20.67 23.36
N ASP C 53 20.62 19.48 23.13
CA ASP C 53 19.83 18.81 24.17
C ASP C 53 20.64 18.61 25.44
N ALA C 54 21.84 18.06 25.30
CA ALA C 54 22.64 17.68 26.47
C ALA C 54 23.12 18.91 27.23
N GLU C 55 23.52 19.96 26.49
CA GLU C 55 23.99 21.18 27.13
C GLU C 55 22.86 21.88 27.89
N ASN C 56 21.65 21.89 27.32
CA ASN C 56 20.53 22.46 28.05
C ASN C 56 20.20 21.63 29.28
N PHE C 57 20.17 20.30 29.14
CA PHE C 57 19.83 19.45 30.27
C PHE C 57 20.87 19.56 31.38
N TYR C 58 22.15 19.65 31.03
CA TYR C 58 23.23 19.72 32.01
C TYR C 58 23.73 21.16 32.21
N ALA C 59 22.85 22.15 32.04
CA ALA C 59 23.27 23.55 32.08
C ALA C 59 23.85 23.96 33.43
N ILE C 60 23.40 23.35 34.54
CA ILE C 60 23.91 23.77 35.84
C ILE C 60 25.40 23.48 35.98
N HIS C 61 25.97 22.63 35.12
CA HIS C 61 27.38 22.31 35.16
C HIS C 61 28.16 23.01 34.04
N ARG C 62 27.56 24.03 33.42
CA ARG C 62 28.16 24.63 32.23
C ARG C 62 29.55 25.17 32.50
N GLU C 63 29.83 25.61 33.72
CA GLU C 63 31.14 26.13 34.08
CA GLU C 63 31.15 26.12 34.06
C GLU C 63 32.04 25.10 34.73
N ARG C 64 31.53 23.91 35.04
CA ARG C 64 32.33 22.89 35.70
C ARG C 64 33.37 22.32 34.73
N PRO C 65 34.52 21.88 35.25
CA PRO C 65 35.59 21.42 34.35
C PRO C 65 35.24 20.15 33.61
N PHE C 66 34.37 19.31 34.15
CA PHE C 66 34.00 18.07 33.49
C PHE C 66 32.93 18.27 32.42
N PHE C 67 32.57 19.52 32.11
CA PHE C 67 31.42 19.79 31.25
C PHE C 67 31.60 19.21 29.85
N LYS C 68 32.67 19.64 29.15
CA LYS C 68 32.88 19.21 27.77
C LYS C 68 32.95 17.69 27.68
N ASP C 69 33.66 17.06 28.60
CA ASP C 69 33.74 15.61 28.62
C ASP C 69 32.37 15.01 28.94
N LEU C 70 31.61 15.63 29.85
CA LEU C 70 30.27 15.14 30.14
C LEU C 70 29.39 15.20 28.91
N ILE C 71 29.41 16.34 28.21
CA ILE C 71 28.58 16.49 27.02
C ILE C 71 29.04 15.52 25.94
N GLU C 72 30.36 15.42 25.72
CA GLU C 72 30.87 14.48 24.71
C GLU C 72 30.42 13.06 25.00
N PHE C 73 30.48 12.64 26.27
CA PHE C 73 30.05 11.29 26.61
C PHE C 73 28.56 11.11 26.38
N MET C 74 27.77 12.11 26.77
CA MET C 74 26.33 11.95 26.70
C MET C 74 25.79 11.98 25.29
N VAL C 75 26.57 12.44 24.30
CA VAL C 75 26.19 12.33 22.89
C VAL C 75 26.98 11.25 22.17
N SER C 76 27.82 10.51 22.88
CA SER C 76 28.67 9.48 22.28
C SER C 76 27.88 8.27 21.81
N GLY C 77 26.60 8.17 22.18
CA GLY C 77 25.76 7.06 21.79
C GLY C 77 24.33 7.31 22.24
N PRO C 78 23.40 6.46 21.81
CA PRO C 78 22.01 6.62 22.26
C PRO C 78 21.86 6.31 23.74
N VAL C 79 20.75 6.81 24.31
CA VAL C 79 20.40 6.62 25.71
C VAL C 79 18.96 6.09 25.79
N VAL C 80 18.58 5.63 26.98
CA VAL C 80 17.17 5.35 27.31
C VAL C 80 16.76 6.29 28.44
N VAL C 81 15.73 7.11 28.19
CA VAL C 81 15.20 8.01 29.21
C VAL C 81 13.86 7.44 29.64
N MET C 82 13.58 7.51 30.95
CA MET C 82 12.37 6.91 31.49
C MET C 82 11.92 7.68 32.72
N VAL C 83 10.62 7.66 32.99
CA VAL C 83 10.05 8.21 34.20
C VAL C 83 9.68 7.06 35.13
N LEU C 84 10.21 7.09 36.35
CA LEU C 84 9.95 6.05 37.34
C LEU C 84 8.95 6.59 38.35
N GLU C 85 7.95 5.78 38.70
CA GLU C 85 6.87 6.19 39.58
C GLU C 85 6.72 5.21 40.75
N GLY C 86 6.50 5.76 41.92
CA GLY C 86 6.28 4.95 43.09
C GLY C 86 6.43 5.77 44.35
N LYS C 87 6.17 5.12 45.47
CA LYS C 87 6.35 5.77 46.76
C LYS C 87 7.82 6.12 46.94
N ASP C 88 8.07 7.38 47.31
CA ASP C 88 9.42 7.86 47.62
C ASP C 88 10.38 7.65 46.44
N ALA C 89 9.86 7.84 45.21
CA ALA C 89 10.59 7.44 44.01
C ALA C 89 11.88 8.22 43.82
N VAL C 90 11.87 9.54 44.09
CA VAL C 90 13.06 10.36 43.89
C VAL C 90 14.23 9.83 44.72
N ALA C 91 14.01 9.63 46.03
CA ALA C 91 15.08 9.16 46.90
C ALA C 91 15.42 7.70 46.64
N LYS C 92 14.41 6.87 46.35
CA LYS C 92 14.67 5.45 46.12
C LYS C 92 15.51 5.25 44.86
N ASN C 93 15.21 6.02 43.81
CA ASN C 93 16.04 6.00 42.61
C ASN C 93 17.50 6.25 42.96
N ARG C 94 17.76 7.28 43.80
CA ARG C 94 19.13 7.59 44.18
C ARG C 94 19.74 6.46 45.00
N ASP C 95 18.96 5.87 45.91
CA ASP C 95 19.44 4.73 46.70
C ASP C 95 19.82 3.57 45.79
N LEU C 96 19.03 3.31 44.76
CA LEU C 96 19.32 2.20 43.86
C LEU C 96 20.52 2.50 42.94
N MET C 97 20.70 3.76 42.53
CA MET C 97 21.83 4.10 41.65
C MET C 97 23.16 3.96 42.36
N GLY C 98 23.24 4.43 43.61
CA GLY C 98 24.50 4.54 44.31
C GLY C 98 25.23 5.83 44.00
N ALA C 99 26.33 6.05 44.73
CA ALA C 99 27.08 7.27 44.64
C ALA C 99 27.55 7.54 43.20
N THR C 100 27.75 8.83 42.89
CA THR C 100 28.12 9.20 41.52
C THR C 100 29.39 8.47 41.07
N ASP C 101 30.36 8.30 41.97
CA ASP C 101 31.58 7.61 41.63
C ASP C 101 31.41 6.12 41.93
N PRO C 102 31.48 5.24 40.93
CA PRO C 102 31.30 3.82 41.19
C PRO C 102 32.28 3.25 42.19
N LYS C 103 33.48 3.82 42.28
CA LYS C 103 34.47 3.38 43.25
C LYS C 103 34.03 3.66 44.68
N LEU C 104 33.15 4.65 44.86
CA LEU C 104 32.60 4.99 46.17
C LEU C 104 31.17 4.50 46.38
N ALA C 105 30.53 3.95 45.36
CA ALA C 105 29.14 3.55 45.50
C ALA C 105 29.05 2.27 46.33
N GLN C 106 28.03 2.19 47.17
CA GLN C 106 27.79 0.98 47.95
C GLN C 106 27.66 -0.22 47.01
N LYS C 107 28.22 -1.35 47.44
CA LYS C 107 28.12 -2.58 46.66
C LYS C 107 26.65 -2.94 46.44
N GLY C 108 26.36 -3.51 45.27
CA GLY C 108 25.01 -3.85 44.92
C GLY C 108 24.17 -2.74 44.35
N THR C 109 24.68 -1.51 44.30
CA THR C 109 23.92 -0.47 43.60
C THR C 109 24.13 -0.59 42.10
N ILE C 110 23.30 0.13 41.35
CA ILE C 110 23.39 0.09 39.89
C ILE C 110 24.78 0.52 39.44
N ARG C 111 25.30 1.61 40.00
CA ARG C 111 26.63 2.08 39.56
C ARG C 111 27.74 1.15 40.02
N ALA C 112 27.60 0.54 41.21
CA ALA C 112 28.59 -0.45 41.62
C ALA C 112 28.57 -1.64 40.69
N ASP C 113 27.38 -2.10 40.29
CA ASP C 113 27.29 -3.34 39.51
C ASP C 113 27.69 -3.14 38.05
N PHE C 114 27.38 -1.98 37.46
CA PHE C 114 27.46 -1.81 36.01
C PHE C 114 28.37 -0.68 35.53
N ALA C 115 28.99 0.08 36.42
CA ALA C 115 29.82 1.21 36.02
C ALA C 115 31.26 0.99 36.47
N GLU C 116 32.21 1.49 35.66
CA GLU C 116 33.64 1.36 35.97
C GLU C 116 34.25 2.62 36.57
N SER C 117 33.87 3.81 36.11
CA SER C 117 34.46 5.05 36.60
C SER C 117 33.40 6.15 36.61
N ILE C 118 33.76 7.29 37.20
CA ILE C 118 32.85 8.43 37.26
C ILE C 118 32.60 8.99 35.88
N ASP C 119 33.54 8.80 34.95
CA ASP C 119 33.37 9.33 33.61
C ASP C 119 32.23 8.64 32.86
N ALA C 120 32.01 7.35 33.13
CA ALA C 120 30.94 6.56 32.52
C ALA C 120 30.21 5.79 33.63
N ASN C 121 29.23 6.43 34.27
CA ASN C 121 28.61 5.85 35.47
C ASN C 121 27.18 5.36 35.24
N ALA C 122 26.90 4.83 34.04
CA ALA C 122 25.72 3.98 33.77
C ALA C 122 24.36 4.68 33.76
N VAL C 123 24.04 5.46 34.80
CA VAL C 123 22.69 6.00 34.96
C VAL C 123 22.75 7.43 35.49
N HIS C 124 21.74 8.21 35.12
CA HIS C 124 21.42 9.48 35.75
C HIS C 124 20.10 9.35 36.49
N GLY C 125 19.96 10.10 37.58
CA GLY C 125 18.68 10.24 38.23
C GLY C 125 18.49 11.60 38.86
N SER C 126 17.25 12.13 38.82
CA SER C 126 17.00 13.43 39.39
C SER C 126 17.42 13.50 40.86
N ASP C 127 18.09 14.59 41.21
CA ASP C 127 18.71 14.72 42.54
C ASP C 127 17.78 15.35 43.56
N SER C 128 16.59 15.76 43.16
CA SER C 128 15.62 16.37 44.06
C SER C 128 14.26 16.37 43.38
N LEU C 129 13.21 16.52 44.19
CA LEU C 129 11.85 16.55 43.65
C LEU C 129 11.64 17.76 42.74
N GLU C 130 12.18 18.92 43.12
CA GLU C 130 12.06 20.07 42.25
C GLU C 130 12.76 19.81 40.92
N ASN C 131 13.97 19.24 40.97
CA ASN C 131 14.67 18.91 39.74
C ASN C 131 13.98 17.81 38.96
N ALA C 132 13.35 16.86 39.66
CA ALA C 132 12.65 15.78 38.96
C ALA C 132 11.56 16.33 38.05
N HIS C 133 10.81 17.33 38.52
CA HIS C 133 9.75 17.91 37.71
C HIS C 133 10.31 18.50 36.42
N ASN C 134 11.41 19.26 36.53
CA ASN C 134 11.96 19.88 35.34
C ASN C 134 12.55 18.85 34.39
N GLU C 135 13.23 17.83 34.91
CA GLU C 135 13.88 16.86 34.05
C GLU C 135 12.88 15.97 33.32
N ILE C 136 11.82 15.55 34.01
CA ILE C 136 10.75 14.80 33.35
C ILE C 136 10.12 15.65 32.25
N ALA C 137 9.81 16.92 32.57
CA ALA C 137 9.22 17.79 31.56
C ALA C 137 10.19 18.06 30.41
N PHE C 138 11.50 17.96 30.63
CA PHE C 138 12.45 18.19 29.54
C PHE C 138 12.32 17.14 28.45
N PHE C 139 12.07 15.88 28.83
CA PHE C 139 12.04 14.79 27.87
C PHE C 139 10.63 14.33 27.50
N PHE C 140 9.61 14.63 28.29
CA PHE C 140 8.28 14.07 28.04
C PHE C 140 7.23 15.16 28.07
N ALA C 141 6.39 15.21 27.04
CA ALA C 141 5.15 15.97 27.16
C ALA C 141 4.25 15.29 28.19
N ALA C 142 3.54 16.09 29.00
CA ALA C 142 2.75 15.51 30.09
C ALA C 142 1.67 14.56 29.59
N ARG C 143 1.19 14.75 28.36
CA ARG C 143 0.21 13.81 27.83
C ARG C 143 0.77 12.40 27.67
N ASP C 144 2.09 12.23 27.69
CA ASP C 144 2.70 10.92 27.61
C ASP C 144 2.89 10.27 28.98
N LEU C 145 2.42 10.93 30.03
CA LEU C 145 2.58 10.43 31.38
C LEU C 145 1.22 10.04 31.91
N MET D 9 24.72 -12.43 8.67
CA MET D 9 24.08 -11.12 8.59
C MET D 9 23.45 -10.70 9.92
N LYS D 10 22.85 -9.50 9.92
CA LYS D 10 22.34 -8.86 11.13
C LYS D 10 20.94 -8.35 10.83
N GLN D 11 19.92 -9.12 11.18
CA GLN D 11 18.54 -8.76 10.87
C GLN D 11 17.83 -8.14 12.06
N ARG D 12 16.68 -7.55 11.78
CA ARG D 12 15.88 -6.81 12.73
C ARG D 12 14.46 -7.35 12.74
N THR D 13 13.86 -7.42 13.93
CA THR D 13 12.49 -7.89 14.06
C THR D 13 11.76 -6.98 15.03
N LEU D 14 10.43 -7.02 14.97
CA LEU D 14 9.63 -6.23 15.90
C LEU D 14 9.26 -7.09 17.10
N SER D 15 9.37 -6.51 18.29
CA SER D 15 8.90 -7.10 19.53
C SER D 15 7.93 -6.13 20.20
N ILE D 16 6.85 -6.66 20.76
CA ILE D 16 5.95 -5.85 21.58
C ILE D 16 5.74 -6.56 22.91
N ILE D 17 5.91 -5.82 24.00
CA ILE D 17 5.57 -6.31 25.34
C ILE D 17 4.12 -5.88 25.58
N LYS D 18 3.23 -6.87 25.68
CA LYS D 18 1.79 -6.62 25.64
C LYS D 18 1.35 -5.98 26.97
N PRO D 19 0.09 -5.48 27.03
CA PRO D 19 -0.32 -4.74 28.24
C PRO D 19 -0.26 -5.56 29.52
N ASP D 20 -0.52 -6.88 29.46
CA ASP D 20 -0.47 -7.71 30.65
C ASP D 20 0.94 -7.71 31.26
N ALA D 21 1.97 -7.77 30.42
CA ALA D 21 3.32 -7.86 30.98
C ALA D 21 3.71 -6.55 31.66
N LEU D 22 3.29 -5.41 31.08
CA LEU D 22 3.61 -4.12 31.68
C LEU D 22 2.93 -3.99 33.03
N LYS D 23 1.67 -4.40 33.11
CA LYS D 23 0.97 -4.32 34.39
C LYS D 23 1.63 -5.24 35.39
N LYS D 24 2.25 -6.33 34.91
CA LYS D 24 3.05 -7.18 35.79
C LYS D 24 4.40 -6.57 36.11
N LYS D 25 4.78 -5.48 35.43
CA LYS D 25 6.08 -4.83 35.64
C LYS D 25 7.25 -5.78 35.42
N VAL D 26 7.18 -6.56 34.35
CA VAL D 26 8.26 -7.48 34.01
C VAL D 26 8.93 -7.05 32.72
N VAL D 27 8.86 -5.75 32.41
CA VAL D 27 9.48 -5.22 31.18
C VAL D 27 10.98 -5.49 31.19
N GLY D 28 11.64 -5.19 32.30
CA GLY D 28 13.09 -5.36 32.38
C GLY D 28 13.51 -6.81 32.24
N LYS D 29 12.77 -7.72 32.89
CA LYS D 29 13.10 -9.15 32.78
C LYS D 29 13.00 -9.62 31.34
N ILE D 30 11.98 -9.16 30.61
CA ILE D 30 11.78 -9.59 29.23
C ILE D 30 12.87 -9.03 28.32
N ILE D 31 13.17 -7.73 28.46
CA ILE D 31 14.27 -7.14 27.71
C ILE D 31 15.58 -7.86 28.03
N ASP D 32 15.77 -8.22 29.29
CA ASP D 32 17.00 -8.91 29.67
C ASP D 32 17.11 -10.26 28.96
N ARG D 33 15.98 -10.92 28.70
CA ARG D 33 16.01 -12.16 27.93
C ARG D 33 16.60 -11.94 26.54
N PHE D 34 16.21 -10.86 25.87
CA PHE D 34 16.73 -10.58 24.53
C PHE D 34 18.21 -10.22 24.58
N GLU D 35 18.58 -9.35 25.52
CA GLU D 35 19.97 -8.90 25.64
C GLU D 35 20.90 -10.05 26.05
N SER D 36 20.43 -10.94 26.92
CA SER D 36 21.28 -12.05 27.34
C SER D 36 21.37 -13.17 26.32
N ASN D 37 20.62 -13.09 25.21
CA ASN D 37 20.60 -14.15 24.22
C ASN D 37 21.04 -13.66 22.84
N GLY D 38 21.88 -12.63 22.80
CA GLY D 38 22.50 -12.19 21.56
C GLY D 38 21.74 -11.16 20.77
N LEU D 39 20.67 -10.61 21.32
CA LEU D 39 19.90 -9.57 20.65
C LEU D 39 20.12 -8.23 21.31
N GLU D 40 20.00 -7.17 20.52
CA GLU D 40 20.11 -5.80 20.99
C GLU D 40 18.84 -5.02 20.69
N VAL D 41 18.38 -4.23 21.65
CA VAL D 41 17.28 -3.30 21.43
C VAL D 41 17.84 -2.04 20.75
N ILE D 42 17.52 -1.84 19.48
CA ILE D 42 18.04 -0.69 18.74
C ILE D 42 16.99 0.38 18.52
N ALA D 43 15.75 0.15 18.96
CA ALA D 43 14.76 1.21 18.98
C ALA D 43 13.67 0.80 19.96
N MET D 44 13.06 1.79 20.62
CA MET D 44 12.12 1.43 21.68
C MET D 44 11.31 2.66 22.07
N LYS D 45 9.99 2.45 22.24
CA LYS D 45 9.14 3.49 22.80
C LYS D 45 7.96 2.85 23.52
N ARG D 46 7.54 3.47 24.61
CA ARG D 46 6.36 3.06 25.34
C ARG D 46 5.19 3.90 24.81
N LEU D 47 4.06 3.27 24.51
CA LEU D 47 2.93 3.99 23.93
C LEU D 47 1.63 3.26 24.24
N HIS D 48 0.52 3.96 23.98
CA HIS D 48 -0.82 3.37 24.10
CA HIS D 48 -0.84 3.42 24.10
C HIS D 48 -1.43 3.31 22.70
N LEU D 49 -1.67 2.09 22.22
CA LEU D 49 -2.31 1.89 20.92
C LEU D 49 -3.76 2.37 20.94
N SER D 50 -4.15 3.03 19.84
CA SER D 50 -5.55 3.28 19.55
C SER D 50 -6.20 2.04 18.94
N VAL D 51 -7.53 2.02 18.96
CA VAL D 51 -8.25 0.94 18.25
C VAL D 51 -7.84 0.93 16.79
N LYS D 52 -7.68 2.10 16.19
CA LYS D 52 -7.24 2.19 14.79
C LYS D 52 -5.86 1.57 14.62
N ASP D 53 -4.91 1.92 15.51
CA ASP D 53 -3.56 1.33 15.47
C ASP D 53 -3.63 -0.20 15.51
N ALA D 54 -4.36 -0.73 16.50
CA ALA D 54 -4.37 -2.17 16.73
C ALA D 54 -5.07 -2.92 15.60
N GLU D 55 -6.16 -2.36 15.07
CA GLU D 55 -6.88 -3.07 14.00
C GLU D 55 -6.06 -3.11 12.71
N ASN D 56 -5.37 -2.02 12.38
CA ASN D 56 -4.52 -2.03 11.19
C ASN D 56 -3.36 -3.00 11.37
N PHE D 57 -2.72 -2.99 12.54
CA PHE D 57 -1.55 -3.85 12.74
C PHE D 57 -1.93 -5.33 12.65
N TYR D 58 -3.06 -5.72 13.24
CA TYR D 58 -3.51 -7.11 13.25
C TYR D 58 -4.58 -7.38 12.21
N ALA D 59 -4.57 -6.65 11.08
CA ALA D 59 -5.62 -6.78 10.09
C ALA D 59 -5.72 -8.19 9.54
N ILE D 60 -4.61 -8.93 9.53
CA ILE D 60 -4.60 -10.28 8.98
C ILE D 60 -5.52 -11.22 9.75
N HIS D 61 -5.94 -10.83 10.96
CA HIS D 61 -6.82 -11.63 11.79
C HIS D 61 -8.24 -11.06 11.83
N ARG D 62 -8.58 -10.19 10.87
CA ARG D 62 -9.86 -9.48 10.91
C ARG D 62 -11.04 -10.45 10.92
N GLU D 63 -11.01 -11.47 10.06
CA GLU D 63 -12.10 -12.43 9.97
C GLU D 63 -11.91 -13.63 10.88
N ARG D 64 -10.86 -13.66 11.70
CA ARG D 64 -10.75 -14.71 12.70
C ARG D 64 -11.63 -14.40 13.90
N PRO D 65 -12.15 -15.42 14.58
CA PRO D 65 -13.12 -15.18 15.67
C PRO D 65 -12.56 -14.47 16.89
N PHE D 66 -11.25 -14.56 17.16
CA PHE D 66 -10.67 -13.95 18.34
C PHE D 66 -10.36 -12.46 18.15
N PHE D 67 -10.74 -11.87 17.03
CA PHE D 67 -10.28 -10.54 16.66
C PHE D 67 -10.71 -9.50 17.69
N LYS D 68 -12.02 -9.45 18.00
CA LYS D 68 -12.53 -8.41 18.90
C LYS D 68 -11.82 -8.44 20.26
N ASP D 69 -11.67 -9.62 20.83
CA ASP D 69 -10.99 -9.70 22.14
C ASP D 69 -9.51 -9.32 22.02
N LEU D 70 -8.86 -9.68 20.90
CA LEU D 70 -7.48 -9.30 20.70
C LEU D 70 -7.32 -7.78 20.68
N ILE D 71 -8.22 -7.08 19.97
CA ILE D 71 -8.12 -5.63 19.90
C ILE D 71 -8.35 -5.02 21.27
N GLU D 72 -9.38 -5.51 21.98
CA GLU D 72 -9.68 -5.03 23.33
C GLU D 72 -8.50 -5.20 24.26
N PHE D 73 -7.83 -6.35 24.18
CA PHE D 73 -6.66 -6.56 25.02
C PHE D 73 -5.54 -5.62 24.59
N MET D 74 -5.31 -5.50 23.29
CA MET D 74 -4.16 -4.73 22.83
C MET D 74 -4.34 -3.23 23.04
N VAL D 75 -5.56 -2.76 23.31
CA VAL D 75 -5.74 -1.37 23.72
C VAL D 75 -6.08 -1.25 25.20
N SER D 76 -6.07 -2.36 25.95
CA SER D 76 -6.48 -2.36 27.35
C SER D 76 -5.48 -1.67 28.27
N GLY D 77 -4.27 -1.38 27.78
CA GLY D 77 -3.25 -0.70 28.54
C GLY D 77 -2.06 -0.38 27.64
N PRO D 78 -1.11 0.43 28.12
CA PRO D 78 0.05 0.75 27.29
C PRO D 78 0.91 -0.48 27.02
N VAL D 79 1.74 -0.38 25.97
CA VAL D 79 2.67 -1.42 25.55
C VAL D 79 4.06 -0.83 25.40
N VAL D 80 5.06 -1.71 25.26
CA VAL D 80 6.41 -1.33 24.86
C VAL D 80 6.71 -1.97 23.51
N VAL D 81 7.03 -1.13 22.53
CA VAL D 81 7.36 -1.56 21.18
C VAL D 81 8.86 -1.40 20.99
N MET D 82 9.48 -2.40 20.36
CA MET D 82 10.92 -2.47 20.23
C MET D 82 11.29 -3.09 18.90
N VAL D 83 12.45 -2.66 18.39
CA VAL D 83 13.14 -3.32 17.30
C VAL D 83 14.32 -4.06 17.91
N LEU D 84 14.40 -5.36 17.65
CA LEU D 84 15.50 -6.18 18.14
C LEU D 84 16.43 -6.50 16.98
N GLU D 85 17.73 -6.40 17.22
CA GLU D 85 18.74 -6.61 16.19
C GLU D 85 19.75 -7.64 16.66
N GLY D 86 20.16 -8.50 15.73
CA GLY D 86 21.16 -9.51 16.00
C GLY D 86 21.11 -10.56 14.93
N LYS D 87 22.03 -11.52 15.05
CA LYS D 87 22.03 -12.64 14.11
C LYS D 87 20.79 -13.48 14.34
N ASP D 88 20.16 -13.91 13.25
CA ASP D 88 18.97 -14.77 13.31
C ASP D 88 17.86 -14.13 14.13
N ALA D 89 17.75 -12.80 14.10
CA ALA D 89 16.90 -12.10 15.08
C ALA D 89 15.45 -12.58 15.03
N VAL D 90 14.90 -12.71 13.82
CA VAL D 90 13.51 -13.15 13.68
C VAL D 90 13.34 -14.52 14.32
N ALA D 91 14.23 -15.45 14.01
CA ALA D 91 14.10 -16.80 14.54
C ALA D 91 14.38 -16.85 16.04
N LYS D 92 15.41 -16.14 16.50
CA LYS D 92 15.75 -16.17 17.91
C LYS D 92 14.64 -15.55 18.75
N ASN D 93 14.06 -14.45 18.28
CA ASN D 93 12.94 -13.85 18.98
C ASN D 93 11.83 -14.87 19.19
N ARG D 94 11.48 -15.62 18.14
CA ARG D 94 10.41 -16.60 18.26
C ARG D 94 10.76 -17.72 19.22
N ASP D 95 12.02 -18.18 19.22
CA ASP D 95 12.44 -19.21 20.16
C ASP D 95 12.33 -18.72 21.59
N LEU D 96 12.78 -17.50 21.87
CA LEU D 96 12.77 -16.99 23.23
C LEU D 96 11.36 -16.70 23.71
N MET D 97 10.45 -16.29 22.81
CA MET D 97 9.07 -16.03 23.19
C MET D 97 8.34 -17.31 23.61
N GLY D 98 8.54 -18.40 22.86
CA GLY D 98 7.80 -19.62 23.10
C GLY D 98 6.51 -19.67 22.33
N ALA D 99 5.78 -20.78 22.52
CA ALA D 99 4.54 -21.02 21.81
C ALA D 99 3.50 -19.95 22.17
N THR D 100 2.55 -19.77 21.25
CA THR D 100 1.51 -18.75 21.46
C THR D 100 0.71 -19.04 22.72
N ASP D 101 0.44 -20.31 22.99
CA ASP D 101 -0.30 -20.70 24.17
C ASP D 101 0.68 -20.95 25.30
N PRO D 102 0.63 -20.17 26.38
CA PRO D 102 1.58 -20.39 27.48
C PRO D 102 1.49 -21.78 28.09
N LYS D 103 0.32 -22.41 28.02
CA LYS D 103 0.18 -23.78 28.50
C LYS D 103 1.07 -24.74 27.72
N LEU D 104 1.45 -24.39 26.49
CA LEU D 104 2.23 -25.26 25.63
C LEU D 104 3.67 -24.81 25.45
N ALA D 105 4.01 -23.59 25.87
CA ALA D 105 5.32 -23.05 25.58
C ALA D 105 6.39 -23.77 26.41
N GLN D 106 7.57 -23.93 25.81
CA GLN D 106 8.64 -24.67 26.47
C GLN D 106 9.12 -23.94 27.72
N LYS D 107 9.59 -24.71 28.69
CA LYS D 107 10.10 -24.15 29.94
C LYS D 107 11.16 -23.11 29.66
N GLY D 108 11.13 -22.03 30.44
CA GLY D 108 12.10 -20.98 30.26
C GLY D 108 11.80 -19.98 29.15
N THR D 109 10.71 -20.15 28.40
CA THR D 109 10.38 -19.11 27.42
C THR D 109 9.65 -17.94 28.09
N ILE D 110 9.56 -16.83 27.37
CA ILE D 110 8.89 -15.66 27.91
C ILE D 110 7.44 -15.99 28.24
N ARG D 111 6.74 -16.62 27.29
CA ARG D 111 5.32 -16.87 27.48
C ARG D 111 5.08 -17.92 28.55
N ALA D 112 5.97 -18.90 28.70
CA ALA D 112 5.84 -19.85 29.81
C ALA D 112 6.04 -19.17 31.15
N ASP D 113 7.04 -18.29 31.24
CA ASP D 113 7.39 -17.67 32.52
C ASP D 113 6.42 -16.57 32.93
N PHE D 114 5.94 -15.76 31.98
CA PHE D 114 5.26 -14.53 32.33
C PHE D 114 3.81 -14.42 31.87
N ALA D 115 3.30 -15.41 31.14
CA ALA D 115 1.93 -15.37 30.65
C ALA D 115 1.13 -16.51 31.27
N GLU D 116 -0.15 -16.25 31.52
CA GLU D 116 -1.04 -17.28 32.07
C GLU D 116 -1.92 -17.95 31.04
N SER D 117 -2.39 -17.23 30.01
CA SER D 117 -3.30 -17.81 29.04
C SER D 117 -2.99 -17.28 27.66
N ILE D 118 -3.62 -17.92 26.67
CA ILE D 118 -3.45 -17.55 25.27
C ILE D 118 -4.02 -16.17 25.00
N ASP D 119 -5.03 -15.75 25.78
CA ASP D 119 -5.62 -14.44 25.58
C ASP D 119 -4.65 -13.33 25.95
N ALA D 120 -3.80 -13.55 26.95
CA ALA D 120 -2.82 -12.57 27.43
C ALA D 120 -1.45 -13.24 27.50
N ASN D 121 -0.72 -13.26 26.39
CA ASN D 121 0.51 -14.04 26.26
C ASN D 121 1.77 -13.17 26.23
N ALA D 122 1.75 -12.06 26.95
CA ALA D 122 2.95 -11.31 27.35
C ALA D 122 3.67 -10.57 26.20
N VAL D 123 3.93 -11.22 25.06
CA VAL D 123 4.75 -10.62 24.01
C VAL D 123 4.22 -10.93 22.62
N HIS D 124 4.51 -10.01 21.69
CA HIS D 124 4.37 -10.22 20.26
C HIS D 124 5.76 -10.27 19.60
N GLY D 125 5.88 -11.03 18.52
CA GLY D 125 7.07 -10.98 17.70
C GLY D 125 6.76 -11.23 16.24
N SER D 126 7.47 -10.53 15.33
CA SER D 126 7.27 -10.73 13.90
C SER D 126 7.53 -12.20 13.55
N ASP D 127 6.64 -12.79 12.76
CA ASP D 127 6.72 -14.22 12.47
C ASP D 127 7.52 -14.54 11.21
N SER D 128 8.03 -13.53 10.51
CA SER D 128 8.82 -13.77 9.32
C SER D 128 9.60 -12.50 9.02
N LEU D 129 10.65 -12.66 8.20
CA LEU D 129 11.47 -11.52 7.83
C LEU D 129 10.66 -10.50 7.04
N GLU D 130 9.76 -10.97 6.16
CA GLU D 130 8.91 -10.04 5.41
C GLU D 130 8.00 -9.26 6.35
N ASN D 131 7.35 -9.96 7.28
CA ASN D 131 6.46 -9.30 8.23
C ASN D 131 7.23 -8.36 9.16
N ALA D 132 8.48 -8.71 9.51
CA ALA D 132 9.29 -7.81 10.32
C ALA D 132 9.45 -6.45 9.64
N HIS D 133 9.67 -6.47 8.32
CA HIS D 133 9.85 -5.23 7.57
C HIS D 133 8.62 -4.33 7.69
N ASN D 134 7.43 -4.90 7.51
CA ASN D 134 6.21 -4.12 7.58
C ASN D 134 5.93 -3.65 9.00
N GLU D 135 6.15 -4.52 9.99
CA GLU D 135 5.82 -4.18 11.37
C GLU D 135 6.74 -3.10 11.93
N ILE D 136 8.04 -3.18 11.60
CA ILE D 136 8.96 -2.12 11.99
C ILE D 136 8.55 -0.80 11.37
N ALA D 137 8.24 -0.80 10.06
CA ALA D 137 7.84 0.42 9.38
C ALA D 137 6.51 0.94 9.91
N PHE D 138 5.67 0.07 10.46
CA PHE D 138 4.39 0.53 11.01
C PHE D 138 4.65 1.44 12.21
N PHE D 139 5.69 1.14 13.00
CA PHE D 139 5.93 1.85 14.24
C PHE D 139 7.06 2.87 14.20
N PHE D 140 7.99 2.76 13.25
CA PHE D 140 9.18 3.61 13.28
C PHE D 140 9.43 4.25 11.91
N ALA D 141 9.65 5.55 11.93
CA ALA D 141 10.19 6.25 10.78
C ALA D 141 11.62 5.76 10.54
N ALA D 142 12.03 5.72 9.27
CA ALA D 142 13.34 5.15 8.97
C ALA D 142 14.45 5.93 9.65
N ARG D 143 14.26 7.24 9.85
CA ARG D 143 15.29 8.02 10.54
C ARG D 143 15.47 7.64 12.00
N ASP D 144 14.54 6.91 12.60
CA ASP D 144 14.68 6.51 13.99
C ASP D 144 15.41 5.20 14.17
N LEU D 145 15.87 4.61 13.07
CA LEU D 145 16.61 3.36 13.08
C LEU D 145 18.00 3.66 12.57
N LYS E 10 -18.30 13.04 -24.18
CA LYS E 10 -18.33 11.60 -24.32
C LYS E 10 -17.53 10.91 -23.21
N GLN E 11 -18.21 10.61 -22.10
CA GLN E 11 -17.60 9.97 -20.95
C GLN E 11 -17.97 8.49 -20.90
N ARG E 12 -17.29 7.75 -20.02
CA ARG E 12 -17.45 6.32 -19.88
C ARG E 12 -17.80 5.93 -18.45
N THR E 13 -18.72 4.99 -18.30
CA THR E 13 -19.08 4.47 -16.98
C THR E 13 -19.21 2.96 -17.04
N LEU E 14 -19.17 2.33 -15.87
CA LEU E 14 -19.31 0.88 -15.74
C LEU E 14 -20.75 0.51 -15.44
N SER E 15 -21.22 -0.55 -16.09
CA SER E 15 -22.48 -1.20 -15.81
C SER E 15 -22.21 -2.68 -15.58
N ILE E 16 -22.88 -3.24 -14.58
CA ILE E 16 -22.89 -4.68 -14.37
C ILE E 16 -24.35 -5.09 -14.33
N ILE E 17 -24.71 -6.10 -15.13
CA ILE E 17 -26.03 -6.70 -15.03
C ILE E 17 -25.89 -7.86 -14.06
N LYS E 18 -26.48 -7.69 -12.87
CA LYS E 18 -26.22 -8.60 -11.77
C LYS E 18 -26.89 -9.94 -12.08
N PRO E 19 -26.51 -11.02 -11.37
CA PRO E 19 -26.96 -12.35 -11.79
C PRO E 19 -28.47 -12.54 -11.77
N ASP E 20 -29.20 -11.87 -10.88
CA ASP E 20 -30.66 -12.00 -10.87
C ASP E 20 -31.23 -11.73 -12.25
N ALA E 21 -30.72 -10.69 -12.92
CA ALA E 21 -31.22 -10.34 -14.24
C ALA E 21 -30.77 -11.34 -15.29
N LEU E 22 -29.55 -11.87 -15.16
CA LEU E 22 -29.12 -12.91 -16.10
C LEU E 22 -29.98 -14.15 -15.96
N LYS E 23 -30.27 -14.56 -14.72
CA LYS E 23 -31.09 -15.75 -14.51
C LYS E 23 -32.50 -15.55 -15.06
N LYS E 24 -33.00 -14.31 -15.06
CA LYS E 24 -34.28 -14.01 -15.69
C LYS E 24 -34.19 -13.88 -17.20
N LYS E 25 -32.98 -13.93 -17.76
CA LYS E 25 -32.76 -13.80 -19.21
C LYS E 25 -33.32 -12.48 -19.74
N VAL E 26 -33.05 -11.40 -19.02
CA VAL E 26 -33.42 -10.06 -19.42
C VAL E 26 -32.19 -9.22 -19.77
N VAL E 27 -31.08 -9.87 -20.11
CA VAL E 27 -29.86 -9.13 -20.48
C VAL E 27 -30.13 -8.24 -21.68
N GLY E 28 -30.82 -8.76 -22.69
CA GLY E 28 -31.06 -7.98 -23.89
C GLY E 28 -31.90 -6.75 -23.62
N LYS E 29 -32.99 -6.91 -22.85
CA LYS E 29 -33.81 -5.75 -22.53
C LYS E 29 -33.02 -4.69 -21.77
N ILE E 30 -32.20 -5.12 -20.82
CA ILE E 30 -31.42 -4.15 -20.05
C ILE E 30 -30.41 -3.45 -20.94
N ILE E 31 -29.70 -4.22 -21.77
CA ILE E 31 -28.76 -3.63 -22.73
C ILE E 31 -29.48 -2.67 -23.67
N ASP E 32 -30.67 -3.07 -24.14
CA ASP E 32 -31.42 -2.22 -25.08
C ASP E 32 -31.81 -0.89 -24.46
N ARG E 33 -32.07 -0.88 -23.15
CA ARG E 33 -32.38 0.38 -22.47
C ARG E 33 -31.25 1.38 -22.61
N PHE E 34 -30.00 0.93 -22.46
CA PHE E 34 -28.86 1.83 -22.62
C PHE E 34 -28.73 2.30 -24.06
N GLU E 35 -28.83 1.37 -25.01
CA GLU E 35 -28.63 1.68 -26.42
C GLU E 35 -29.71 2.63 -26.96
N SER E 36 -30.95 2.45 -26.51
CA SER E 36 -32.06 3.27 -26.98
C SER E 36 -32.07 4.67 -26.40
N ASN E 37 -31.17 4.99 -25.47
CA ASN E 37 -31.16 6.29 -24.83
C ASN E 37 -29.84 7.05 -25.03
N GLY E 38 -29.11 6.77 -26.10
CA GLY E 38 -27.94 7.56 -26.43
C GLY E 38 -26.64 7.06 -25.87
N LEU E 39 -26.61 5.85 -25.32
CA LEU E 39 -25.38 5.24 -24.83
C LEU E 39 -24.97 4.10 -25.76
N GLU E 40 -23.67 3.87 -25.85
CA GLU E 40 -23.08 2.82 -26.66
C GLU E 40 -22.25 1.87 -25.79
N VAL E 41 -22.40 0.57 -26.04
CA VAL E 41 -21.56 -0.43 -25.41
C VAL E 41 -20.24 -0.50 -26.18
N ILE E 42 -19.15 -0.08 -25.55
CA ILE E 42 -17.83 -0.12 -26.17
C ILE E 42 -16.95 -1.20 -25.56
N ALA E 43 -17.42 -1.91 -24.54
CA ALA E 43 -16.71 -3.07 -24.00
C ALA E 43 -17.72 -3.90 -23.22
N MET E 44 -17.53 -5.21 -23.23
CA MET E 44 -18.50 -6.11 -22.64
C MET E 44 -17.93 -7.50 -22.53
N LYS E 45 -18.14 -8.15 -21.39
CA LYS E 45 -17.83 -9.55 -21.24
C LYS E 45 -18.74 -10.17 -20.20
N ARG E 46 -19.11 -11.42 -20.43
CA ARG E 46 -19.82 -12.22 -19.43
C ARG E 46 -18.81 -13.05 -18.65
N LEU E 47 -18.91 -13.00 -17.32
CA LEU E 47 -17.94 -13.69 -16.49
C LEU E 47 -18.61 -14.06 -15.17
N HIS E 48 -17.92 -14.92 -14.42
CA HIS E 48 -18.37 -15.32 -13.09
C HIS E 48 -17.38 -14.80 -12.06
N LEU E 49 -17.86 -13.92 -11.18
CA LEU E 49 -16.98 -13.33 -10.18
C LEU E 49 -16.54 -14.38 -9.18
N SER E 50 -15.25 -14.37 -8.86
CA SER E 50 -14.78 -15.10 -7.70
C SER E 50 -15.05 -14.27 -6.44
N VAL E 51 -15.02 -14.95 -5.28
CA VAL E 51 -15.15 -14.22 -4.03
C VAL E 51 -14.08 -13.14 -3.91
N LYS E 52 -12.84 -13.47 -4.33
CA LYS E 52 -11.77 -12.47 -4.30
C LYS E 52 -12.08 -11.30 -5.21
N ASP E 53 -12.56 -11.56 -6.44
CA ASP E 53 -12.96 -10.47 -7.32
C ASP E 53 -14.01 -9.58 -6.66
N ALA E 54 -15.05 -10.21 -6.12
CA ALA E 54 -16.19 -9.47 -5.59
C ALA E 54 -15.81 -8.69 -4.34
N GLU E 55 -14.99 -9.30 -3.47
CA GLU E 55 -14.55 -8.59 -2.28
C GLU E 55 -13.65 -7.42 -2.66
N ASN E 56 -12.81 -7.60 -3.69
CA ASN E 56 -11.97 -6.50 -4.15
C ASN E 56 -12.82 -5.35 -4.71
N PHE E 57 -13.80 -5.68 -5.56
CA PHE E 57 -14.60 -4.64 -6.19
C PHE E 57 -15.40 -3.83 -5.16
N TYR E 58 -15.99 -4.52 -4.18
CA TYR E 58 -16.80 -3.86 -3.15
C TYR E 58 -16.04 -3.69 -1.83
N ALA E 59 -14.71 -3.53 -1.90
CA ALA E 59 -13.91 -3.50 -0.68
C ALA E 59 -14.28 -2.33 0.24
N ILE E 60 -14.77 -1.22 -0.33
CA ILE E 60 -15.12 -0.07 0.48
C ILE E 60 -16.27 -0.38 1.44
N HIS E 61 -16.98 -1.49 1.20
CA HIS E 61 -18.13 -1.87 2.01
C HIS E 61 -17.83 -3.02 2.97
N ARG E 62 -16.54 -3.31 3.23
CA ARG E 62 -16.20 -4.50 4.01
C ARG E 62 -16.81 -4.48 5.40
N GLU E 63 -17.11 -3.29 5.95
CA GLU E 63 -17.60 -3.17 7.31
C GLU E 63 -19.11 -2.96 7.41
N ARG E 64 -19.82 -2.92 6.28
CA ARG E 64 -21.26 -2.79 6.34
C ARG E 64 -21.90 -4.13 6.68
N PRO E 65 -23.06 -4.14 7.35
CA PRO E 65 -23.63 -5.42 7.79
C PRO E 65 -24.04 -6.33 6.65
N PHE E 66 -24.37 -5.76 5.49
CA PHE E 66 -24.79 -6.54 4.34
C PHE E 66 -23.63 -7.01 3.45
N PHE E 67 -22.38 -6.82 3.87
CA PHE E 67 -21.25 -7.11 2.99
C PHE E 67 -21.25 -8.59 2.59
N LYS E 68 -21.34 -9.48 3.58
CA LYS E 68 -21.27 -10.90 3.31
C LYS E 68 -22.34 -11.33 2.31
N ASP E 69 -23.58 -10.88 2.55
CA ASP E 69 -24.70 -11.21 1.66
C ASP E 69 -24.53 -10.57 0.28
N LEU E 70 -23.99 -9.35 0.22
CA LEU E 70 -23.68 -8.75 -1.07
C LEU E 70 -22.69 -9.63 -1.83
N ILE E 71 -21.63 -10.07 -1.15
CA ILE E 71 -20.62 -10.91 -1.80
C ILE E 71 -21.22 -12.24 -2.21
N GLU E 72 -21.98 -12.88 -1.32
CA GLU E 72 -22.61 -14.15 -1.66
C GLU E 72 -23.53 -14.01 -2.87
N PHE E 73 -24.25 -12.89 -2.95
CA PHE E 73 -25.17 -12.67 -4.07
C PHE E 73 -24.40 -12.44 -5.37
N MET E 74 -23.34 -11.64 -5.32
CA MET E 74 -22.63 -11.28 -6.55
C MET E 74 -21.80 -12.43 -7.11
N VAL E 75 -21.57 -13.51 -6.35
CA VAL E 75 -20.92 -14.70 -6.88
C VAL E 75 -21.88 -15.84 -7.10
N SER E 76 -23.17 -15.62 -6.87
CA SER E 76 -24.21 -16.66 -6.98
C SER E 76 -24.48 -17.10 -8.42
N GLY E 77 -23.99 -16.36 -9.40
CA GLY E 77 -24.18 -16.69 -10.79
C GLY E 77 -23.36 -15.73 -11.63
N PRO E 78 -23.25 -16.00 -12.93
CA PRO E 78 -22.47 -15.11 -13.79
C PRO E 78 -23.11 -13.74 -13.88
N VAL E 79 -22.31 -12.77 -14.28
CA VAL E 79 -22.75 -11.40 -14.49
C VAL E 79 -22.31 -10.95 -15.88
N VAL E 80 -22.86 -9.82 -16.30
CA VAL E 80 -22.39 -9.16 -17.51
C VAL E 80 -21.83 -7.81 -17.11
N VAL E 81 -20.54 -7.59 -17.40
CA VAL E 81 -19.85 -6.34 -17.13
C VAL E 81 -19.61 -5.64 -18.46
N MET E 82 -19.84 -4.33 -18.48
CA MET E 82 -19.74 -3.58 -19.73
C MET E 82 -19.37 -2.14 -19.41
N VAL E 83 -18.73 -1.49 -20.38
CA VAL E 83 -18.46 -0.06 -20.32
C VAL E 83 -19.44 0.66 -21.24
N LEU E 84 -20.14 1.65 -20.71
CA LEU E 84 -21.09 2.44 -21.47
C LEU E 84 -20.47 3.81 -21.79
N GLU E 85 -20.66 4.27 -23.02
CA GLU E 85 -20.07 5.52 -23.47
C GLU E 85 -21.14 6.42 -24.07
N GLY E 86 -21.06 7.71 -23.75
CA GLY E 86 -21.98 8.69 -24.27
C GLY E 86 -21.90 9.97 -23.46
N LYS E 87 -22.65 10.97 -23.94
CA LYS E 87 -22.70 12.25 -23.24
C LYS E 87 -23.41 12.08 -21.90
N ASP E 88 -22.82 12.65 -20.85
CA ASP E 88 -23.37 12.56 -19.49
C ASP E 88 -23.64 11.10 -19.11
N ALA E 89 -22.72 10.21 -19.51
CA ALA E 89 -22.98 8.78 -19.43
C ALA E 89 -23.10 8.30 -17.98
N VAL E 90 -22.21 8.78 -17.11
CA VAL E 90 -22.27 8.38 -15.71
C VAL E 90 -23.62 8.74 -15.12
N ALA E 91 -24.05 9.98 -15.36
CA ALA E 91 -25.35 10.44 -14.86
C ALA E 91 -26.50 9.78 -15.60
N LYS E 92 -26.35 9.56 -16.92
CA LYS E 92 -27.43 8.92 -17.67
C LYS E 92 -27.62 7.47 -17.24
N ASN E 93 -26.50 6.74 -17.04
CA ASN E 93 -26.58 5.37 -16.52
C ASN E 93 -27.35 5.33 -15.21
N ARG E 94 -27.00 6.22 -14.26
CA ARG E 94 -27.68 6.22 -12.98
C ARG E 94 -29.15 6.61 -13.12
N ASP E 95 -29.44 7.58 -14.00
CA ASP E 95 -30.83 7.97 -14.23
C ASP E 95 -31.64 6.81 -14.82
N LEU E 96 -31.04 6.07 -15.75
CA LEU E 96 -31.75 4.97 -16.38
C LEU E 96 -31.97 3.80 -15.43
N MET E 97 -31.03 3.57 -14.50
CA MET E 97 -31.22 2.51 -13.51
C MET E 97 -32.35 2.83 -12.54
N GLY E 98 -32.29 4.00 -11.91
CA GLY E 98 -33.22 4.35 -10.86
C GLY E 98 -32.61 4.20 -9.48
N ALA E 99 -33.50 4.23 -8.48
CA ALA E 99 -33.09 4.18 -7.08
C ALA E 99 -32.62 2.79 -6.68
N THR E 100 -31.78 2.74 -5.64
CA THR E 100 -31.14 1.48 -5.26
C THR E 100 -32.16 0.43 -4.87
N ASP E 101 -33.24 0.82 -4.22
CA ASP E 101 -34.29 -0.11 -3.83
C ASP E 101 -35.34 -0.16 -4.93
N PRO E 102 -35.53 -1.30 -5.60
CA PRO E 102 -36.54 -1.35 -6.68
C PRO E 102 -37.95 -1.06 -6.22
N LYS E 103 -38.32 -1.43 -5.00
CA LYS E 103 -39.65 -1.09 -4.51
C LYS E 103 -39.83 0.42 -4.41
N LEU E 104 -38.73 1.16 -4.28
CA LEU E 104 -38.75 2.61 -4.25
C LEU E 104 -38.54 3.23 -5.61
N ALA E 105 -38.05 2.47 -6.58
CA ALA E 105 -37.81 2.99 -7.93
C ALA E 105 -39.12 3.11 -8.69
N GLY E 108 -40.64 3.11 -14.47
CA GLY E 108 -40.10 2.88 -15.80
C GLY E 108 -38.57 2.73 -15.89
N THR E 109 -37.88 2.87 -14.77
CA THR E 109 -36.43 2.67 -14.76
C THR E 109 -36.10 1.17 -14.72
N ILE E 110 -34.82 0.86 -14.95
CA ILE E 110 -34.39 -0.54 -15.04
C ILE E 110 -34.73 -1.29 -13.75
N ARG E 111 -34.42 -0.70 -12.60
CA ARG E 111 -34.61 -1.43 -11.34
C ARG E 111 -36.08 -1.60 -11.01
N ALA E 112 -36.92 -0.62 -11.35
CA ALA E 112 -38.37 -0.79 -11.21
C ALA E 112 -38.86 -1.91 -12.12
N ASP E 113 -38.29 -1.99 -13.32
CA ASP E 113 -38.80 -2.91 -14.33
C ASP E 113 -38.40 -4.36 -14.03
N PHE E 114 -37.19 -4.59 -13.53
CA PHE E 114 -36.61 -5.92 -13.52
C PHE E 114 -36.16 -6.45 -12.16
N ALA E 115 -36.22 -5.64 -11.11
CA ALA E 115 -35.72 -6.06 -9.80
C ALA E 115 -36.88 -6.18 -8.82
N GLU E 116 -36.78 -7.15 -7.92
CA GLU E 116 -37.82 -7.41 -6.93
C GLU E 116 -37.52 -6.81 -5.56
N SER E 117 -36.26 -6.80 -5.14
CA SER E 117 -35.89 -6.31 -3.82
C SER E 117 -34.54 -5.61 -3.90
N ILE E 118 -34.22 -4.88 -2.82
CA ILE E 118 -32.94 -4.17 -2.73
C ILE E 118 -31.79 -5.17 -2.65
N ASP E 119 -32.05 -6.36 -2.11
CA ASP E 119 -31.00 -7.37 -2.01
C ASP E 119 -30.58 -7.87 -3.39
N ALA E 120 -31.51 -7.89 -4.34
CA ALA E 120 -31.26 -8.33 -5.72
C ALA E 120 -31.84 -7.29 -6.69
N ASN E 121 -31.06 -6.25 -6.98
CA ASN E 121 -31.56 -5.09 -7.73
C ASN E 121 -30.98 -5.00 -9.15
N ALA E 122 -30.70 -6.15 -9.76
CA ALA E 122 -30.50 -6.30 -11.20
C ALA E 122 -29.22 -5.70 -11.78
N VAL E 123 -28.92 -4.45 -11.47
CA VAL E 123 -27.84 -3.74 -12.15
C VAL E 123 -27.05 -2.91 -11.15
N HIS E 124 -25.77 -2.73 -11.47
CA HIS E 124 -24.86 -1.77 -10.86
C HIS E 124 -24.48 -0.69 -11.86
N GLY E 125 -24.21 0.49 -11.35
CA GLY E 125 -23.61 1.53 -12.17
C GLY E 125 -22.69 2.39 -11.34
N SER E 126 -21.56 2.83 -11.91
CA SER E 126 -20.66 3.71 -11.19
C SER E 126 -21.41 4.97 -10.77
N ASP E 127 -21.19 5.40 -9.53
CA ASP E 127 -21.93 6.53 -8.99
C ASP E 127 -21.20 7.85 -9.18
N SER E 128 -20.01 7.83 -9.77
CA SER E 128 -19.22 9.03 -9.96
C SER E 128 -18.19 8.79 -11.06
N LEU E 129 -17.70 9.88 -11.63
CA LEU E 129 -16.68 9.78 -12.66
C LEU E 129 -15.39 9.20 -12.10
N GLU E 130 -15.03 9.59 -10.88
CA GLU E 130 -13.83 9.05 -10.24
C GLU E 130 -13.95 7.55 -10.04
N ASN E 131 -15.09 7.10 -9.50
CA ASN E 131 -15.29 5.66 -9.33
C ASN E 131 -15.40 4.94 -10.66
N ALA E 132 -15.95 5.61 -11.69
CA ALA E 132 -16.04 4.99 -13.01
C ALA E 132 -14.65 4.64 -13.55
N HIS E 133 -13.67 5.51 -13.37
CA HIS E 133 -12.33 5.21 -13.85
C HIS E 133 -11.78 3.95 -13.20
N ASN E 134 -11.91 3.84 -11.87
CA ASN E 134 -11.38 2.70 -11.15
C ASN E 134 -12.14 1.42 -11.47
N GLU E 135 -13.47 1.50 -11.58
CA GLU E 135 -14.24 0.29 -11.83
C GLU E 135 -13.98 -0.25 -13.23
N ILE E 136 -13.94 0.64 -14.23
CA ILE E 136 -13.59 0.19 -15.57
C ILE E 136 -12.22 -0.45 -15.57
N ALA E 137 -11.25 0.20 -14.90
CA ALA E 137 -9.90 -0.33 -14.87
C ALA E 137 -9.82 -1.64 -14.12
N PHE E 138 -10.74 -1.85 -13.17
CA PHE E 138 -10.77 -3.12 -12.42
C PHE E 138 -11.10 -4.29 -13.32
N PHE E 139 -11.99 -4.08 -14.29
CA PHE E 139 -12.48 -5.16 -15.14
C PHE E 139 -11.87 -5.18 -16.53
N PHE E 140 -11.31 -4.07 -17.00
CA PHE E 140 -10.84 -3.96 -18.38
C PHE E 140 -9.43 -3.40 -18.39
N ALA E 141 -8.56 -4.04 -19.16
CA ALA E 141 -7.27 -3.46 -19.54
C ALA E 141 -7.49 -2.30 -20.52
N ALA E 142 -6.65 -1.28 -20.40
CA ALA E 142 -6.89 -0.07 -21.20
C ALA E 142 -6.78 -0.36 -22.70
N ARG E 143 -6.00 -1.37 -23.09
CA ARG E 143 -5.91 -1.72 -24.50
C ARG E 143 -7.22 -2.28 -25.05
N ASP E 144 -8.14 -2.70 -24.19
CA ASP E 144 -9.43 -3.21 -24.64
C ASP E 144 -10.47 -2.11 -24.78
N LEU E 145 -10.10 -0.86 -24.54
CA LEU E 145 -10.98 0.28 -24.68
C LEU E 145 -10.52 1.15 -25.84
N ARG F 12 -25.06 -24.10 -26.98
CA ARG F 12 -25.61 -24.93 -28.05
C ARG F 12 -25.14 -24.44 -29.42
N THR F 13 -25.63 -23.28 -29.84
CA THR F 13 -25.24 -22.67 -31.10
C THR F 13 -24.44 -21.40 -30.83
N LEU F 14 -23.45 -21.14 -31.66
CA LEU F 14 -22.67 -19.92 -31.58
C LEU F 14 -23.32 -18.86 -32.46
N SER F 15 -23.38 -17.63 -31.95
CA SER F 15 -23.95 -16.51 -32.67
C SER F 15 -22.97 -15.34 -32.64
N ILE F 16 -22.91 -14.59 -33.73
CA ILE F 16 -22.11 -13.38 -33.80
C ILE F 16 -23.01 -12.23 -34.20
N ILE F 17 -22.88 -11.11 -33.50
CA ILE F 17 -23.47 -9.84 -33.91
C ILE F 17 -22.45 -9.15 -34.80
N LYS F 18 -22.76 -9.02 -36.09
CA LYS F 18 -21.85 -8.41 -37.04
C LYS F 18 -21.63 -6.94 -36.68
N PRO F 19 -20.51 -6.35 -37.13
CA PRO F 19 -20.31 -4.91 -36.90
C PRO F 19 -21.36 -4.03 -37.57
N ASP F 20 -22.12 -4.56 -38.53
CA ASP F 20 -23.26 -3.82 -39.06
C ASP F 20 -24.21 -3.44 -37.94
N ALA F 21 -24.66 -4.44 -37.17
CA ALA F 21 -25.60 -4.18 -36.08
C ALA F 21 -24.92 -3.49 -34.91
N LEU F 22 -23.66 -3.87 -34.62
CA LEU F 22 -22.96 -3.28 -33.48
C LEU F 22 -22.88 -1.77 -33.60
N LYS F 23 -22.60 -1.27 -34.82
CA LYS F 23 -22.57 0.17 -35.04
C LYS F 23 -23.97 0.80 -35.00
N LYS F 24 -25.03 0.00 -35.14
CA LYS F 24 -26.39 0.52 -35.13
C LYS F 24 -27.03 0.49 -33.75
N LYS F 25 -26.30 0.09 -32.71
CA LYS F 25 -26.79 0.12 -31.33
C LYS F 25 -28.05 -0.73 -31.16
N VAL F 26 -28.03 -1.92 -31.76
CA VAL F 26 -29.15 -2.84 -31.64
C VAL F 26 -28.73 -4.17 -31.00
N VAL F 27 -27.53 -4.22 -30.40
CA VAL F 27 -27.11 -5.40 -29.63
C VAL F 27 -28.20 -5.82 -28.64
N GLY F 28 -28.80 -4.84 -27.97
CA GLY F 28 -29.89 -5.17 -27.04
C GLY F 28 -31.04 -5.86 -27.73
N LYS F 29 -31.36 -5.44 -28.96
CA LYS F 29 -32.48 -6.04 -29.68
C LYS F 29 -32.18 -7.46 -30.09
N ILE F 30 -31.04 -7.69 -30.75
CA ILE F 30 -30.67 -9.03 -31.16
C ILE F 30 -30.60 -9.96 -29.95
N ILE F 31 -30.02 -9.48 -28.85
CA ILE F 31 -29.96 -10.27 -27.63
C ILE F 31 -31.37 -10.53 -27.10
N ASP F 32 -32.24 -9.51 -27.16
CA ASP F 32 -33.61 -9.67 -26.67
C ASP F 32 -34.30 -10.84 -27.35
N ARG F 33 -34.20 -10.91 -28.68
CA ARG F 33 -34.89 -11.97 -29.42
C ARG F 33 -34.43 -13.34 -28.97
N PHE F 34 -33.12 -13.61 -29.07
CA PHE F 34 -32.59 -14.92 -28.70
C PHE F 34 -32.89 -15.29 -27.25
N GLU F 35 -33.25 -14.32 -26.41
CA GLU F 35 -33.63 -14.58 -25.03
C GLU F 35 -35.11 -14.89 -24.89
N SER F 36 -35.96 -14.09 -25.55
CA SER F 36 -37.40 -14.24 -25.44
C SER F 36 -37.91 -15.53 -26.06
N ASN F 37 -37.04 -16.32 -26.67
CA ASN F 37 -37.41 -17.53 -27.39
C ASN F 37 -36.70 -18.75 -26.83
N GLY F 38 -36.60 -18.82 -25.51
CA GLY F 38 -36.10 -20.02 -24.84
C GLY F 38 -34.66 -20.38 -25.14
N LEU F 39 -33.78 -19.39 -25.30
CA LEU F 39 -32.34 -19.65 -25.49
C LEU F 39 -31.56 -18.78 -24.53
N GLU F 40 -30.69 -19.40 -23.74
CA GLU F 40 -29.92 -18.73 -22.70
C GLU F 40 -28.47 -18.58 -23.15
N VAL F 41 -27.95 -17.36 -23.05
CA VAL F 41 -26.57 -17.07 -23.45
C VAL F 41 -25.63 -17.61 -22.39
N ILE F 42 -24.87 -18.67 -22.71
CA ILE F 42 -23.98 -19.30 -21.75
C ILE F 42 -22.58 -18.70 -21.72
N ALA F 43 -22.25 -17.81 -22.66
CA ALA F 43 -20.95 -17.17 -22.76
C ALA F 43 -21.05 -16.09 -23.83
N MET F 44 -20.30 -15.01 -23.64
CA MET F 44 -20.42 -13.87 -24.55
C MET F 44 -19.24 -12.93 -24.36
N LYS F 45 -18.51 -12.66 -25.45
CA LYS F 45 -17.38 -11.74 -25.41
C LYS F 45 -17.42 -10.80 -26.61
N ARG F 46 -17.16 -9.53 -26.35
CA ARG F 46 -17.08 -8.52 -27.39
C ARG F 46 -15.62 -8.38 -27.83
N LEU F 47 -15.36 -8.60 -29.11
CA LEU F 47 -13.99 -8.64 -29.59
C LEU F 47 -13.91 -8.07 -31.00
N HIS F 48 -12.76 -7.51 -31.32
CA HIS F 48 -12.47 -7.00 -32.65
C HIS F 48 -11.64 -8.06 -33.38
N LEU F 49 -12.11 -8.45 -34.56
CA LEU F 49 -11.48 -9.53 -35.29
C LEU F 49 -10.19 -9.06 -35.95
N SER F 50 -9.16 -9.89 -35.84
CA SER F 50 -7.96 -9.70 -36.63
C SER F 50 -8.12 -10.41 -37.98
N VAL F 51 -7.28 -10.02 -38.94
CA VAL F 51 -7.34 -10.60 -40.28
C VAL F 51 -7.20 -12.12 -40.19
N LYS F 52 -6.17 -12.59 -39.48
CA LYS F 52 -5.98 -14.02 -39.27
C LYS F 52 -7.17 -14.65 -38.57
N ASP F 53 -7.80 -13.93 -37.64
CA ASP F 53 -8.97 -14.48 -36.97
C ASP F 53 -10.13 -14.66 -37.94
N ALA F 54 -10.45 -13.62 -38.73
CA ALA F 54 -11.47 -13.77 -39.76
C ALA F 54 -11.07 -14.84 -40.78
N GLU F 55 -9.77 -14.94 -41.08
CA GLU F 55 -9.30 -15.93 -42.05
C GLU F 55 -9.33 -17.34 -41.48
N ASN F 56 -8.76 -17.51 -40.28
CA ASN F 56 -8.76 -18.83 -39.66
C ASN F 56 -10.16 -19.33 -39.35
N PHE F 57 -11.14 -18.41 -39.29
CA PHE F 57 -12.53 -18.79 -39.07
C PHE F 57 -13.26 -19.15 -40.37
N TYR F 58 -12.75 -18.73 -41.52
CA TYR F 58 -13.39 -18.98 -42.81
C TYR F 58 -12.45 -19.75 -43.74
N ALA F 59 -11.69 -20.69 -43.17
CA ALA F 59 -10.78 -21.51 -43.98
C ALA F 59 -11.54 -22.37 -44.98
N ILE F 60 -12.78 -22.74 -44.66
CA ILE F 60 -13.62 -23.53 -45.55
C ILE F 60 -14.01 -22.68 -46.75
N HIS F 61 -14.85 -21.67 -46.53
CA HIS F 61 -15.25 -20.73 -47.58
C HIS F 61 -14.07 -19.78 -47.82
N ARG F 62 -13.10 -20.25 -48.62
CA ARG F 62 -11.84 -19.56 -48.78
C ARG F 62 -11.55 -19.08 -50.19
N GLU F 63 -12.47 -19.29 -51.15
CA GLU F 63 -12.28 -18.85 -52.52
C GLU F 63 -13.63 -18.37 -53.05
N ARG F 64 -13.83 -17.06 -53.05
CA ARG F 64 -15.12 -16.49 -53.45
C ARG F 64 -14.93 -15.03 -53.82
N PRO F 65 -15.72 -14.50 -54.75
CA PRO F 65 -15.62 -13.08 -55.11
C PRO F 65 -16.02 -12.13 -53.99
N PHE F 66 -16.54 -12.62 -52.86
CA PHE F 66 -17.00 -11.77 -51.78
C PHE F 66 -15.90 -11.41 -50.79
N PHE F 67 -14.74 -12.06 -50.86
CA PHE F 67 -13.71 -11.93 -49.84
C PHE F 67 -13.29 -10.48 -49.64
N LYS F 68 -12.86 -9.81 -50.71
CA LYS F 68 -12.42 -8.42 -50.60
C LYS F 68 -13.52 -7.56 -49.98
N ASP F 69 -14.77 -7.81 -50.35
CA ASP F 69 -15.87 -7.11 -49.71
C ASP F 69 -16.12 -7.64 -48.30
N LEU F 70 -16.30 -8.95 -48.16
CA LEU F 70 -16.80 -9.53 -46.92
C LEU F 70 -15.73 -9.58 -45.83
N ILE F 71 -14.56 -10.17 -46.12
CA ILE F 71 -13.57 -10.33 -45.06
C ILE F 71 -13.04 -8.98 -44.60
N GLU F 72 -12.86 -8.04 -45.53
CA GLU F 72 -12.55 -6.67 -45.11
C GLU F 72 -13.68 -6.09 -44.27
N PHE F 73 -14.92 -6.46 -44.55
CA PHE F 73 -16.05 -5.93 -43.78
C PHE F 73 -16.09 -6.50 -42.37
N MET F 74 -15.72 -7.78 -42.20
CA MET F 74 -15.85 -8.40 -40.89
C MET F 74 -14.83 -7.86 -39.89
N VAL F 75 -13.64 -7.50 -40.35
CA VAL F 75 -12.61 -6.95 -39.46
C VAL F 75 -12.68 -5.44 -39.49
N SER F 76 -13.76 -4.89 -40.03
CA SER F 76 -13.92 -3.44 -40.13
C SER F 76 -14.37 -2.80 -38.81
N GLY F 77 -14.63 -3.61 -37.80
CA GLY F 77 -15.10 -3.08 -36.54
C GLY F 77 -15.32 -4.21 -35.54
N PRO F 78 -15.64 -3.83 -34.31
CA PRO F 78 -15.97 -4.84 -33.30
C PRO F 78 -17.20 -5.63 -33.69
N VAL F 79 -17.21 -6.90 -33.27
CA VAL F 79 -18.41 -7.74 -33.33
C VAL F 79 -18.72 -8.20 -31.91
N VAL F 80 -19.79 -8.97 -31.75
CA VAL F 80 -20.18 -9.53 -30.47
C VAL F 80 -20.41 -11.02 -30.69
N VAL F 81 -19.52 -11.85 -30.16
CA VAL F 81 -19.64 -13.30 -30.26
C VAL F 81 -20.26 -13.81 -28.96
N MET F 82 -21.18 -14.77 -29.08
CA MET F 82 -21.84 -15.31 -27.91
C MET F 82 -22.39 -16.70 -28.20
N VAL F 83 -22.52 -17.49 -27.13
CA VAL F 83 -22.97 -18.87 -27.20
C VAL F 83 -24.40 -18.93 -26.65
N LEU F 84 -25.36 -19.21 -27.54
CA LEU F 84 -26.77 -19.32 -27.19
C LEU F 84 -27.11 -20.78 -26.94
N GLU F 85 -27.78 -21.06 -25.82
CA GLU F 85 -28.08 -22.45 -25.44
C GLU F 85 -29.52 -22.83 -25.79
N ALA F 89 -32.56 -24.50 -32.21
CA ALA F 89 -31.34 -23.78 -31.81
C ALA F 89 -30.91 -22.81 -32.90
N VAL F 90 -30.53 -23.35 -34.06
CA VAL F 90 -30.16 -22.50 -35.18
C VAL F 90 -31.38 -22.04 -35.98
N ALA F 91 -32.50 -22.77 -35.88
CA ALA F 91 -33.71 -22.35 -36.58
C ALA F 91 -34.23 -21.03 -36.04
N LYS F 92 -34.17 -20.84 -34.72
CA LYS F 92 -34.65 -19.60 -34.12
C LYS F 92 -33.89 -18.38 -34.65
N ASN F 93 -32.60 -18.55 -34.93
CA ASN F 93 -31.78 -17.41 -35.37
C ASN F 93 -32.09 -17.03 -36.81
N ARG F 94 -32.25 -18.03 -37.69
CA ARG F 94 -32.39 -17.76 -39.12
C ARG F 94 -33.64 -16.96 -39.47
N ASP F 95 -34.54 -16.74 -38.51
CA ASP F 95 -35.81 -16.09 -38.76
C ASP F 95 -35.81 -14.60 -38.42
N LEU F 96 -34.64 -14.02 -38.13
CA LEU F 96 -34.58 -12.60 -37.85
C LEU F 96 -33.24 -12.00 -38.28
N ALA F 122 -27.08 -9.57 -41.60
CA ALA F 122 -26.75 -8.55 -40.61
C ALA F 122 -26.21 -9.16 -39.33
N VAL F 123 -26.46 -10.46 -39.14
CA VAL F 123 -25.90 -11.23 -38.04
C VAL F 123 -25.36 -12.54 -38.60
N HIS F 124 -24.93 -13.45 -37.72
CA HIS F 124 -24.38 -14.73 -38.14
C HIS F 124 -24.84 -15.85 -37.21
N GLY F 125 -25.17 -16.99 -37.80
CA GLY F 125 -25.40 -18.21 -37.05
C GLY F 125 -24.85 -19.40 -37.80
N SER F 126 -24.69 -20.51 -37.08
CA SER F 126 -24.11 -21.69 -37.68
C SER F 126 -25.09 -22.36 -38.65
N ASP F 127 -24.56 -23.28 -39.46
CA ASP F 127 -25.34 -24.01 -40.45
C ASP F 127 -25.60 -25.47 -40.06
N SER F 128 -24.95 -25.97 -39.01
CA SER F 128 -25.17 -27.32 -38.54
C SER F 128 -24.64 -27.43 -37.11
N LEU F 129 -25.00 -28.52 -36.43
CA LEU F 129 -24.40 -28.80 -35.13
C LEU F 129 -22.95 -29.23 -35.28
N GLU F 130 -22.61 -29.90 -36.39
CA GLU F 130 -21.20 -30.20 -36.67
C GLU F 130 -20.41 -28.92 -36.93
N ASN F 131 -21.04 -27.90 -37.51
CA ASN F 131 -20.39 -26.62 -37.72
C ASN F 131 -20.37 -25.79 -36.45
N ALA F 132 -21.49 -25.77 -35.71
CA ALA F 132 -21.57 -24.97 -34.49
C ALA F 132 -20.61 -25.46 -33.42
N HIS F 133 -20.49 -26.79 -33.27
CA HIS F 133 -19.55 -27.33 -32.29
C HIS F 133 -18.11 -26.89 -32.60
N ASN F 134 -17.78 -26.76 -33.88
CA ASN F 134 -16.46 -26.27 -34.24
C ASN F 134 -16.36 -24.76 -34.09
N GLU F 135 -17.46 -24.04 -34.36
CA GLU F 135 -17.43 -22.58 -34.26
C GLU F 135 -17.43 -22.11 -32.82
N ILE F 136 -18.08 -22.82 -31.91
CA ILE F 136 -18.11 -22.39 -30.52
C ILE F 136 -16.71 -22.52 -29.90
N ALA F 137 -15.98 -23.58 -30.23
CA ALA F 137 -14.65 -23.77 -29.68
C ALA F 137 -13.63 -22.81 -30.29
N PHE F 138 -13.96 -22.18 -31.41
CA PHE F 138 -13.06 -21.19 -31.99
C PHE F 138 -12.91 -19.98 -31.08
N PHE F 139 -14.02 -19.46 -30.57
CA PHE F 139 -14.02 -18.27 -29.74
C PHE F 139 -14.07 -18.56 -28.25
N PHE F 140 -14.16 -19.82 -27.84
CA PHE F 140 -14.35 -20.09 -26.42
C PHE F 140 -13.66 -21.38 -26.00
N ALA F 141 -12.91 -21.29 -24.92
CA ALA F 141 -12.40 -22.47 -24.23
C ALA F 141 -13.51 -23.14 -23.43
N ALA F 142 -13.35 -24.43 -23.17
CA ALA F 142 -14.43 -25.19 -22.57
C ALA F 142 -14.69 -24.73 -21.13
N ARG F 143 -13.66 -24.34 -20.39
CA ARG F 143 -13.86 -23.86 -19.04
C ARG F 143 -14.79 -22.65 -18.99
N ASP F 144 -14.88 -21.89 -20.09
CA ASP F 144 -15.72 -20.72 -20.18
C ASP F 144 -17.16 -21.04 -20.53
N LEU F 145 -17.55 -22.31 -20.40
CA LEU F 145 -18.90 -22.73 -20.75
C LEU F 145 -19.54 -23.51 -19.62
N LYS G 10 4.99 -30.33 -34.58
CA LYS G 10 4.11 -31.31 -35.22
C LYS G 10 2.87 -31.55 -34.37
N GLN G 11 3.06 -32.02 -33.15
CA GLN G 11 1.97 -32.29 -32.22
C GLN G 11 1.88 -31.21 -31.14
N ARG G 12 0.73 -31.17 -30.47
CA ARG G 12 0.51 -30.21 -29.38
C ARG G 12 0.02 -30.93 -28.13
N THR G 13 0.56 -30.54 -26.99
CA THR G 13 0.16 -31.11 -25.71
C THR G 13 -0.01 -30.00 -24.69
N LEU G 14 -0.77 -30.28 -23.64
CA LEU G 14 -1.01 -29.31 -22.58
C LEU G 14 -0.04 -29.51 -21.43
N SER G 15 0.48 -28.40 -20.91
CA SER G 15 1.32 -28.39 -19.72
C SER G 15 0.71 -27.46 -18.68
N ILE G 16 0.75 -27.87 -17.42
CA ILE G 16 0.36 -27.01 -16.31
C ILE G 16 1.48 -26.99 -15.27
N ILE G 17 1.87 -25.79 -14.85
CA ILE G 17 2.81 -25.62 -13.75
C ILE G 17 2.01 -25.48 -12.46
N LYS G 18 2.17 -26.46 -11.58
CA LYS G 18 1.30 -26.62 -10.42
C LYS G 18 1.59 -25.53 -9.39
N PRO G 19 0.68 -25.33 -8.43
CA PRO G 19 0.84 -24.17 -7.51
C PRO G 19 2.12 -24.21 -6.69
N ASP G 20 2.53 -25.39 -6.21
CA ASP G 20 3.76 -25.47 -5.42
C ASP G 20 4.95 -24.94 -6.18
N ALA G 21 5.07 -25.29 -7.46
CA ALA G 21 6.18 -24.79 -8.26
C ALA G 21 6.15 -23.29 -8.37
N LEU G 22 4.96 -22.70 -8.51
CA LEU G 22 4.86 -21.25 -8.56
C LEU G 22 5.37 -20.62 -7.27
N LYS G 23 5.00 -21.21 -6.12
CA LYS G 23 5.44 -20.68 -4.83
C LYS G 23 6.95 -20.77 -4.69
N LYS G 24 7.58 -21.77 -5.32
CA LYS G 24 9.04 -21.86 -5.35
C LYS G 24 9.66 -20.92 -6.40
N LYS G 25 8.84 -20.29 -7.22
CA LYS G 25 9.31 -19.35 -8.25
C LYS G 25 10.28 -20.03 -9.21
N VAL G 26 9.90 -21.21 -9.70
CA VAL G 26 10.70 -21.96 -10.65
C VAL G 26 10.03 -22.02 -12.03
N VAL G 27 9.12 -21.07 -12.31
CA VAL G 27 8.43 -21.06 -13.61
C VAL G 27 9.45 -20.94 -14.75
N GLY G 28 10.44 -20.05 -14.61
CA GLY G 28 11.40 -19.88 -15.68
C GLY G 28 12.21 -21.15 -15.92
N LYS G 29 12.71 -21.75 -14.84
CA LYS G 29 13.52 -22.97 -14.98
C LYS G 29 12.74 -24.08 -15.68
N ILE G 30 11.45 -24.23 -15.33
CA ILE G 30 10.63 -25.30 -15.92
C ILE G 30 10.38 -25.04 -17.39
N ILE G 31 10.00 -23.81 -17.74
CA ILE G 31 9.81 -23.44 -19.14
C ILE G 31 11.09 -23.69 -19.94
N ASP G 32 12.25 -23.41 -19.34
CA ASP G 32 13.50 -23.62 -20.06
C ASP G 32 13.72 -25.09 -20.41
N ARG G 33 13.22 -26.02 -19.61
CA ARG G 33 13.35 -27.44 -19.94
C ARG G 33 12.68 -27.77 -21.27
N PHE G 34 11.49 -27.21 -21.51
CA PHE G 34 10.76 -27.46 -22.75
C PHE G 34 11.48 -26.86 -23.96
N GLU G 35 11.85 -25.58 -23.87
CA GLU G 35 12.40 -24.88 -25.01
C GLU G 35 13.75 -25.45 -25.43
N SER G 36 14.56 -25.88 -24.47
CA SER G 36 15.87 -26.43 -24.76
C SER G 36 15.80 -27.83 -25.34
N ASN G 37 14.62 -28.43 -25.41
CA ASN G 37 14.44 -29.81 -25.82
C ASN G 37 13.50 -29.94 -27.02
N GLY G 38 13.38 -28.90 -27.84
CA GLY G 38 12.63 -29.01 -29.06
C GLY G 38 11.15 -28.68 -28.97
N LEU G 39 10.69 -28.14 -27.86
CA LEU G 39 9.30 -27.74 -27.74
C LEU G 39 9.24 -26.21 -27.74
N GLU G 40 8.14 -25.67 -28.27
CA GLU G 40 7.89 -24.24 -28.28
C GLU G 40 6.59 -23.97 -27.55
N VAL G 41 6.58 -22.96 -26.68
CA VAL G 41 5.34 -22.53 -26.06
C VAL G 41 4.62 -21.62 -27.03
N ILE G 42 3.49 -22.08 -27.57
CA ILE G 42 2.76 -21.29 -28.56
C ILE G 42 1.49 -20.69 -27.99
N ALA G 43 1.19 -20.94 -26.73
CA ALA G 43 0.10 -20.29 -26.00
C ALA G 43 0.40 -20.43 -24.52
N MET G 44 -0.03 -19.43 -23.73
CA MET G 44 0.35 -19.40 -22.32
C MET G 44 -0.47 -18.36 -21.57
N LYS G 45 -0.94 -18.71 -20.38
CA LYS G 45 -1.54 -17.72 -19.50
C LYS G 45 -1.40 -18.18 -18.05
N ARG G 46 -1.18 -17.22 -17.15
CA ARG G 46 -1.21 -17.48 -15.72
C ARG G 46 -2.63 -17.21 -15.23
N LEU G 47 -3.18 -18.14 -14.46
CA LEU G 47 -4.55 -18.00 -14.03
C LEU G 47 -4.75 -18.72 -12.71
N HIS G 48 -5.91 -18.50 -12.11
CA HIS G 48 -6.27 -19.16 -10.87
C HIS G 48 -7.50 -20.03 -11.10
N LEU G 49 -7.34 -21.32 -10.87
CA LEU G 49 -8.44 -22.24 -11.12
C LEU G 49 -9.52 -22.08 -10.06
N SER G 50 -10.77 -22.01 -10.49
CA SER G 50 -11.88 -22.12 -9.56
C SER G 50 -12.09 -23.58 -9.20
N VAL G 51 -12.85 -23.81 -8.15
CA VAL G 51 -13.19 -25.18 -7.78
C VAL G 51 -13.89 -25.89 -8.95
N LYS G 52 -14.78 -25.18 -9.64
CA LYS G 52 -15.47 -25.77 -10.80
C LYS G 52 -14.48 -26.17 -11.89
N ASP G 53 -13.54 -25.27 -12.22
CA ASP G 53 -12.51 -25.58 -13.22
C ASP G 53 -11.77 -26.85 -12.86
N ALA G 54 -11.33 -26.97 -11.61
CA ALA G 54 -10.52 -28.11 -11.20
C ALA G 54 -11.35 -29.38 -11.21
N GLU G 55 -12.60 -29.30 -10.76
CA GLU G 55 -13.47 -30.46 -10.82
C GLU G 55 -13.82 -30.81 -12.26
N ASN G 56 -14.04 -29.81 -13.11
CA ASN G 56 -14.31 -30.06 -14.52
C ASN G 56 -13.10 -30.67 -15.22
N PHE G 57 -11.92 -30.08 -15.03
CA PHE G 57 -10.72 -30.57 -15.71
C PHE G 57 -10.33 -31.97 -15.25
N TYR G 58 -10.40 -32.23 -13.95
CA TYR G 58 -10.00 -33.53 -13.41
C TYR G 58 -11.20 -34.44 -13.19
N ALA G 59 -12.26 -34.27 -14.00
CA ALA G 59 -13.50 -34.99 -13.81
C ALA G 59 -13.31 -36.50 -13.90
N ILE G 60 -12.32 -36.96 -14.67
CA ILE G 60 -12.11 -38.39 -14.85
C ILE G 60 -11.77 -39.09 -13.54
N HIS G 61 -11.36 -38.34 -12.51
CA HIS G 61 -11.01 -38.92 -11.22
C HIS G 61 -12.06 -38.66 -10.15
N ARG G 62 -13.26 -38.25 -10.56
CA ARG G 62 -14.27 -37.80 -9.60
C ARG G 62 -14.64 -38.89 -8.59
N GLU G 63 -14.49 -40.16 -8.96
CA GLU G 63 -14.86 -41.27 -8.08
C GLU G 63 -13.67 -41.86 -7.32
N ARG G 64 -12.46 -41.32 -7.52
CA ARG G 64 -11.27 -41.80 -6.83
C ARG G 64 -11.16 -41.18 -5.44
N PRO G 65 -10.54 -41.88 -4.48
CA PRO G 65 -10.49 -41.37 -3.10
C PRO G 65 -9.65 -40.12 -2.91
N PHE G 66 -8.66 -39.86 -3.78
CA PHE G 66 -7.78 -38.70 -3.64
C PHE G 66 -8.36 -37.44 -4.26
N PHE G 67 -9.62 -37.47 -4.71
CA PHE G 67 -10.16 -36.37 -5.48
C PHE G 67 -10.20 -35.07 -4.66
N LYS G 68 -10.73 -35.13 -3.44
CA LYS G 68 -10.87 -33.92 -2.63
C LYS G 68 -9.54 -33.18 -2.46
N ASP G 69 -8.48 -33.92 -2.13
CA ASP G 69 -7.17 -33.29 -1.94
C ASP G 69 -6.63 -32.73 -3.25
N LEU G 70 -6.88 -33.42 -4.37
CA LEU G 70 -6.44 -32.92 -5.67
C LEU G 70 -7.06 -31.57 -5.97
N ILE G 71 -8.36 -31.42 -5.75
CA ILE G 71 -9.02 -30.16 -6.04
C ILE G 71 -8.52 -29.06 -5.11
N GLU G 72 -8.43 -29.36 -3.81
CA GLU G 72 -7.95 -28.37 -2.84
C GLU G 72 -6.55 -27.89 -3.20
N PHE G 73 -5.68 -28.82 -3.62
CA PHE G 73 -4.33 -28.44 -4.01
C PHE G 73 -4.34 -27.61 -5.28
N MET G 74 -5.09 -28.03 -6.28
CA MET G 74 -5.05 -27.34 -7.56
C MET G 74 -5.76 -25.99 -7.53
N VAL G 75 -6.55 -25.70 -6.48
CA VAL G 75 -7.08 -24.35 -6.29
C VAL G 75 -6.34 -23.61 -5.18
N SER G 76 -5.31 -24.24 -4.60
CA SER G 76 -4.56 -23.67 -3.48
C SER G 76 -3.72 -22.48 -3.90
N GLY G 77 -3.55 -22.23 -5.20
CA GLY G 77 -2.79 -21.12 -5.70
C GLY G 77 -2.90 -21.02 -7.20
N PRO G 78 -2.40 -19.94 -7.79
CA PRO G 78 -2.43 -19.79 -9.24
C PRO G 78 -1.52 -20.81 -9.91
N VAL G 79 -1.78 -21.02 -11.20
CA VAL G 79 -0.99 -21.93 -12.03
C VAL G 79 -0.59 -21.24 -13.32
N VAL G 80 0.26 -21.91 -14.09
CA VAL G 80 0.54 -21.51 -15.46
C VAL G 80 0.18 -22.66 -16.39
N VAL G 81 -0.72 -22.41 -17.33
CA VAL G 81 -1.14 -23.39 -18.32
C VAL G 81 -0.53 -23.01 -19.65
N MET G 82 -0.10 -24.03 -20.42
CA MET G 82 0.65 -23.79 -21.64
C MET G 82 0.30 -24.83 -22.69
N VAL G 83 0.38 -24.43 -23.94
CA VAL G 83 0.33 -25.33 -25.08
C VAL G 83 1.75 -25.48 -25.61
N LEU G 84 2.24 -26.71 -25.65
CA LEU G 84 3.58 -27.03 -26.14
C LEU G 84 3.51 -27.65 -27.52
N GLU G 85 4.43 -27.25 -28.40
CA GLU G 85 4.41 -27.74 -29.77
C GLU G 85 5.78 -28.30 -30.13
N GLY G 86 5.78 -29.43 -30.83
CA GLY G 86 7.00 -30.03 -31.32
C GLY G 86 6.77 -31.48 -31.69
N LYS G 87 7.82 -32.07 -32.24
CA LYS G 87 7.77 -33.49 -32.60
C LYS G 87 7.69 -34.34 -31.34
N ASP G 88 6.82 -35.36 -31.37
CA ASP G 88 6.64 -36.26 -30.23
C ASP G 88 6.38 -35.47 -28.95
N ALA G 89 5.61 -34.39 -29.08
CA ALA G 89 5.50 -33.41 -28.00
C ALA G 89 4.91 -34.03 -26.74
N VAL G 90 3.84 -34.81 -26.90
CA VAL G 90 3.20 -35.44 -25.75
C VAL G 90 4.20 -36.33 -25.02
N ALA G 91 4.91 -37.18 -25.77
CA ALA G 91 5.86 -38.09 -25.14
C ALA G 91 7.09 -37.35 -24.62
N LYS G 92 7.57 -36.36 -25.38
CA LYS G 92 8.70 -35.58 -24.91
C LYS G 92 8.33 -34.79 -23.66
N ASN G 93 7.14 -34.19 -23.67
CA ASN G 93 6.62 -33.56 -22.46
C ASN G 93 6.60 -34.56 -21.31
N ARG G 94 6.04 -35.74 -21.55
CA ARG G 94 5.96 -36.75 -20.50
C ARG G 94 7.34 -37.20 -20.04
N ASP G 95 8.27 -37.35 -20.98
CA ASP G 95 9.64 -37.71 -20.62
C ASP G 95 10.29 -36.62 -19.78
N LEU G 96 10.07 -35.35 -20.15
CA LEU G 96 10.71 -34.27 -19.43
C LEU G 96 10.11 -34.09 -18.04
N MET G 97 8.82 -34.36 -17.89
CA MET G 97 8.16 -34.28 -16.59
C MET G 97 8.64 -35.36 -15.64
N THR G 100 6.09 -39.44 -12.15
CA THR G 100 5.08 -38.72 -11.38
C THR G 100 5.45 -38.72 -9.90
N ASP G 101 6.01 -39.83 -9.42
CA ASP G 101 6.43 -39.92 -8.03
C ASP G 101 7.88 -39.47 -7.92
N PRO G 102 8.17 -38.37 -7.20
CA PRO G 102 9.52 -37.83 -7.05
C PRO G 102 10.49 -38.83 -6.44
N GLY G 108 17.00 -35.44 -13.11
CA GLY G 108 17.11 -34.35 -14.06
C GLY G 108 15.77 -33.95 -14.64
N THR G 109 14.72 -34.67 -14.27
CA THR G 109 13.38 -34.32 -14.69
C THR G 109 12.84 -33.17 -13.85
N ILE G 110 11.73 -32.60 -14.32
CA ILE G 110 11.10 -31.48 -13.62
C ILE G 110 10.71 -31.92 -12.21
N ARG G 111 10.05 -33.07 -12.11
CA ARG G 111 9.54 -33.53 -10.83
C ARG G 111 10.66 -33.96 -9.90
N ALA G 112 11.77 -34.45 -10.45
CA ALA G 112 12.93 -34.77 -9.62
C ALA G 112 13.54 -33.51 -8.99
N ASP G 113 13.67 -32.43 -9.77
CA ASP G 113 14.39 -31.26 -9.30
C ASP G 113 13.55 -30.37 -8.38
N PHE G 114 12.25 -30.25 -8.64
CA PHE G 114 11.45 -29.18 -8.04
C PHE G 114 10.29 -29.66 -7.21
N ALA G 115 10.09 -30.96 -7.07
CA ALA G 115 8.99 -31.49 -6.29
C ALA G 115 9.56 -32.17 -5.05
N GLU G 116 8.84 -32.04 -3.93
CA GLU G 116 9.25 -32.61 -2.66
C GLU G 116 8.55 -33.93 -2.37
N SER G 117 7.29 -34.06 -2.76
CA SER G 117 6.50 -35.26 -2.46
C SER G 117 5.59 -35.57 -3.64
N ILE G 118 4.98 -36.75 -3.60
CA ILE G 118 4.07 -37.16 -4.66
C ILE G 118 2.83 -36.27 -4.67
N ASP G 119 2.46 -35.69 -3.52
CA ASP G 119 1.29 -34.83 -3.44
C ASP G 119 1.47 -33.51 -4.18
N ALA G 120 2.70 -32.99 -4.25
CA ALA G 120 3.00 -31.70 -4.90
C ALA G 120 4.12 -31.91 -5.89
N ASN G 121 3.75 -32.30 -7.12
CA ASN G 121 4.71 -32.76 -8.13
C ASN G 121 4.91 -31.76 -9.27
N ALA G 122 4.78 -30.46 -8.99
CA ALA G 122 5.32 -29.39 -9.83
C ALA G 122 4.63 -29.19 -11.19
N VAL G 123 4.44 -30.26 -11.97
CA VAL G 123 3.99 -30.11 -13.35
C VAL G 123 2.94 -31.15 -13.71
N HIS G 124 2.03 -30.75 -14.61
CA HIS G 124 1.09 -31.63 -15.30
C HIS G 124 1.37 -31.63 -16.80
N GLY G 125 1.10 -32.76 -17.44
CA GLY G 125 1.15 -32.84 -18.89
C GLY G 125 0.12 -33.83 -19.41
N SER G 126 -0.42 -33.51 -20.59
CA SER G 126 -1.40 -34.40 -21.21
C SER G 126 -0.83 -35.79 -21.38
N ASP G 127 -1.62 -36.81 -21.03
CA ASP G 127 -1.15 -38.18 -21.07
C ASP G 127 -1.44 -38.88 -22.39
N SER G 128 -2.12 -38.23 -23.32
CA SER G 128 -2.42 -38.84 -24.61
C SER G 128 -2.75 -37.74 -25.61
N LEU G 129 -2.63 -38.09 -26.89
CA LEU G 129 -2.93 -37.13 -27.95
C LEU G 129 -4.41 -36.76 -27.97
N GLU G 130 -5.30 -37.73 -27.75
CA GLU G 130 -6.73 -37.45 -27.72
C GLU G 130 -7.08 -36.53 -26.55
N ASN G 131 -6.57 -36.84 -25.37
CA ASN G 131 -6.84 -35.99 -24.21
C ASN G 131 -6.22 -34.61 -24.39
N ALA G 132 -5.06 -34.55 -25.05
CA ALA G 132 -4.41 -33.27 -25.32
C ALA G 132 -5.32 -32.36 -26.13
N HIS G 133 -6.03 -32.90 -27.11
CA HIS G 133 -6.96 -32.08 -27.89
C HIS G 133 -7.99 -31.45 -26.97
N ASN G 134 -8.57 -32.25 -26.07
CA ASN G 134 -9.59 -31.73 -25.15
C ASN G 134 -9.00 -30.79 -24.11
N GLU G 135 -7.84 -31.13 -23.54
CA GLU G 135 -7.29 -30.34 -22.45
C GLU G 135 -6.85 -28.95 -22.93
N ILE G 136 -6.21 -28.88 -24.10
CA ILE G 136 -5.89 -27.58 -24.68
C ILE G 136 -7.18 -26.83 -24.99
N ALA G 137 -8.18 -27.54 -25.56
CA ALA G 137 -9.43 -26.87 -25.89
C ALA G 137 -10.16 -26.41 -24.65
N PHE G 138 -9.93 -27.08 -23.51
CA PHE G 138 -10.55 -26.65 -22.25
C PHE G 138 -10.02 -25.28 -21.84
N PHE G 139 -8.76 -24.99 -22.12
CA PHE G 139 -8.12 -23.75 -21.69
C PHE G 139 -7.95 -22.72 -22.80
N PHE G 140 -8.00 -23.11 -24.07
CA PHE G 140 -7.72 -22.16 -25.14
C PHE G 140 -8.76 -22.24 -26.23
N ALA G 141 -9.34 -21.10 -26.57
CA ALA G 141 -10.13 -20.98 -27.78
C ALA G 141 -9.22 -21.15 -28.99
N ALA G 142 -9.79 -21.73 -30.05
CA ALA G 142 -8.97 -22.09 -31.20
C ALA G 142 -8.31 -20.88 -31.84
N ARG G 143 -8.93 -19.71 -31.76
CA ARG G 143 -8.32 -18.50 -32.32
C ARG G 143 -7.08 -18.08 -31.56
N ASP G 144 -6.89 -18.58 -30.33
CA ASP G 144 -5.73 -18.24 -29.51
C ASP G 144 -4.54 -19.14 -29.79
N LEU G 145 -4.67 -20.07 -30.73
CA LEU G 145 -3.58 -20.96 -31.09
C LEU G 145 -3.13 -20.70 -32.52
N MET H 9 8.43 -1.09 0.33
CA MET H 9 7.66 -2.32 0.16
C MET H 9 7.82 -2.86 -1.26
N LYS H 10 6.95 -3.79 -1.66
CA LYS H 10 7.07 -4.47 -2.93
C LYS H 10 6.40 -3.67 -4.05
N GLN H 11 7.14 -3.45 -5.14
CA GLN H 11 6.69 -2.71 -6.30
C GLN H 11 6.32 -3.67 -7.43
N ARG H 12 5.62 -3.11 -8.41
CA ARG H 12 5.21 -3.85 -9.60
C ARG H 12 5.68 -3.07 -10.81
N THR H 13 6.20 -3.79 -11.79
CA THR H 13 6.64 -3.19 -13.03
C THR H 13 6.20 -4.09 -14.18
N LEU H 14 6.11 -3.52 -15.38
CA LEU H 14 5.74 -4.29 -16.55
C LEU H 14 6.99 -4.80 -17.25
N SER H 15 6.94 -6.05 -17.67
CA SER H 15 7.97 -6.70 -18.48
C SER H 15 7.33 -7.22 -19.75
N ILE H 16 8.00 -7.05 -20.88
CA ILE H 16 7.59 -7.64 -22.15
C ILE H 16 8.78 -8.40 -22.73
N ILE H 17 8.56 -9.67 -23.07
CA ILE H 17 9.54 -10.44 -23.82
C ILE H 17 9.14 -10.29 -25.28
N LYS H 18 10.01 -9.64 -26.05
CA LYS H 18 9.71 -9.16 -27.38
C LYS H 18 9.71 -10.33 -28.38
N PRO H 19 9.23 -10.11 -29.61
CA PRO H 19 9.09 -11.25 -30.54
C PRO H 19 10.41 -11.88 -30.94
N ASP H 20 11.53 -11.16 -30.91
CA ASP H 20 12.79 -11.79 -31.24
C ASP H 20 13.15 -12.85 -30.19
N ALA H 21 13.01 -12.51 -28.91
CA ALA H 21 13.37 -13.45 -27.85
C ALA H 21 12.44 -14.66 -27.86
N LEU H 22 11.16 -14.47 -28.17
CA LEU H 22 10.29 -15.63 -28.33
C LEU H 22 10.76 -16.52 -29.48
N LYS H 23 11.15 -15.90 -30.59
CA LYS H 23 11.64 -16.68 -31.73
C LYS H 23 12.92 -17.42 -31.38
N LYS H 24 13.75 -16.87 -30.50
CA LYS H 24 14.90 -17.62 -29.99
C LYS H 24 14.51 -18.66 -28.96
N LYS H 25 13.24 -18.70 -28.53
CA LYS H 25 12.76 -19.67 -27.56
C LYS H 25 13.56 -19.59 -26.26
N VAL H 26 13.78 -18.36 -25.78
CA VAL H 26 14.48 -18.13 -24.53
C VAL H 26 13.55 -17.54 -23.48
N VAL H 27 12.25 -17.81 -23.60
CA VAL H 27 11.29 -17.30 -22.62
C VAL H 27 11.65 -17.78 -21.22
N GLY H 28 11.96 -19.07 -21.08
CA GLY H 28 12.22 -19.62 -19.77
C GLY H 28 13.45 -19.03 -19.11
N LYS H 29 14.54 -18.90 -19.89
CA LYS H 29 15.77 -18.31 -19.35
C LYS H 29 15.54 -16.88 -18.88
N ILE H 30 14.76 -16.10 -19.64
CA ILE H 30 14.51 -14.71 -19.27
C ILE H 30 13.66 -14.62 -18.01
N ILE H 31 12.61 -15.44 -17.92
CA ILE H 31 11.79 -15.45 -16.69
C ILE H 31 12.65 -15.81 -15.49
N ASP H 32 13.56 -16.78 -15.66
CA ASP H 32 14.42 -17.22 -14.58
C ASP H 32 15.32 -16.10 -14.05
N ARG H 33 15.71 -15.16 -14.91
CA ARG H 33 16.49 -14.01 -14.45
C ARG H 33 15.73 -13.23 -13.40
N PHE H 34 14.43 -12.99 -13.64
CA PHE H 34 13.59 -12.26 -12.71
C PHE H 34 13.36 -13.06 -11.42
N GLU H 35 13.05 -14.36 -11.58
CA GLU H 35 12.76 -15.21 -10.42
C GLU H 35 13.99 -15.45 -9.55
N SER H 36 15.16 -15.58 -10.17
CA SER H 36 16.35 -15.82 -9.36
C SER H 36 16.85 -14.57 -8.64
N ASN H 37 16.27 -13.40 -8.91
CA ASN H 37 16.79 -12.16 -8.34
C ASN H 37 15.76 -11.39 -7.52
N GLY H 38 14.80 -12.08 -6.91
CA GLY H 38 13.90 -11.47 -5.96
C GLY H 38 12.63 -10.89 -6.52
N LEU H 39 12.31 -11.16 -7.79
CA LEU H 39 11.08 -10.70 -8.41
C LEU H 39 10.17 -11.92 -8.63
N GLU H 40 8.86 -11.67 -8.62
CA GLU H 40 7.87 -12.72 -8.85
C GLU H 40 6.95 -12.34 -10.00
N VAL H 41 6.68 -13.32 -10.88
CA VAL H 41 5.72 -13.13 -11.95
C VAL H 41 4.33 -13.33 -11.35
N ILE H 42 3.57 -12.25 -11.24
CA ILE H 42 2.23 -12.30 -10.68
C ILE H 42 1.15 -12.12 -11.73
N ALA H 43 1.52 -11.90 -12.98
CA ALA H 43 0.55 -11.91 -14.06
C ALA H 43 1.30 -12.11 -15.35
N MET H 44 0.68 -12.83 -16.29
CA MET H 44 1.40 -13.17 -17.52
C MET H 44 0.49 -13.70 -18.62
N LYS H 45 0.67 -13.20 -19.84
CA LYS H 45 -0.04 -13.79 -20.96
C LYS H 45 0.78 -13.62 -22.23
N ARG H 46 0.68 -14.62 -23.09
CA ARG H 46 1.27 -14.56 -24.42
C ARG H 46 0.22 -14.04 -25.38
N LEU H 47 0.58 -13.06 -26.20
CA LEU H 47 -0.40 -12.44 -27.08
C LEU H 47 0.31 -11.92 -28.33
N HIS H 48 -0.50 -11.40 -29.26
CA HIS H 48 0.01 -10.84 -30.50
C HIS H 48 -0.53 -9.42 -30.64
N LEU H 49 0.35 -8.43 -30.46
CA LEU H 49 -0.05 -7.04 -30.56
C LEU H 49 -0.56 -6.69 -31.94
N SER H 50 -1.65 -5.92 -31.99
CA SER H 50 -2.08 -5.26 -33.20
C SER H 50 -1.29 -3.97 -33.39
N VAL H 51 -1.35 -3.42 -34.60
CA VAL H 51 -0.71 -2.13 -34.84
C VAL H 51 -1.28 -1.08 -33.90
N LYS H 52 -2.60 -1.09 -33.69
CA LYS H 52 -3.21 -0.11 -32.79
C LYS H 52 -2.65 -0.24 -31.38
N ASP H 53 -2.53 -1.48 -30.87
CA ASP H 53 -1.94 -1.70 -29.55
C ASP H 53 -0.53 -1.14 -29.44
N ALA H 54 0.34 -1.49 -30.40
CA ALA H 54 1.75 -1.10 -30.30
C ALA H 54 1.91 0.41 -30.48
N GLU H 55 1.11 1.00 -31.37
CA GLU H 55 1.16 2.45 -31.55
C GLU H 55 0.67 3.17 -30.30
N ASN H 56 -0.34 2.63 -29.64
CA ASN H 56 -0.81 3.21 -28.38
C ASN H 56 0.24 3.07 -27.29
N PHE H 57 0.82 1.88 -27.16
CA PHE H 57 1.78 1.63 -26.09
C PHE H 57 3.02 2.51 -26.24
N TYR H 58 3.51 2.67 -27.47
CA TYR H 58 4.73 3.41 -27.74
C TYR H 58 4.47 4.83 -28.25
N ALA H 59 3.36 5.42 -27.83
CA ALA H 59 2.92 6.69 -28.40
C ALA H 59 3.91 7.81 -28.21
N ILE H 60 4.72 7.79 -27.14
CA ILE H 60 5.69 8.86 -26.90
C ILE H 60 6.73 8.93 -28.00
N HIS H 61 6.87 7.88 -28.81
CA HIS H 61 7.88 7.86 -29.86
C HIS H 61 7.28 8.11 -31.24
N ARG H 62 6.04 8.59 -31.31
CA ARG H 62 5.32 8.67 -32.58
C ARG H 62 6.06 9.50 -33.62
N GLU H 63 6.85 10.49 -33.19
CA GLU H 63 7.56 11.37 -34.12
C GLU H 63 9.03 10.98 -34.31
N ARG H 64 9.46 9.87 -33.73
CA ARG H 64 10.85 9.46 -33.82
C ARG H 64 11.09 8.71 -35.13
N PRO H 65 12.31 8.77 -35.67
CA PRO H 65 12.54 8.14 -36.98
C PRO H 65 12.48 6.63 -36.92
N PHE H 66 12.82 6.02 -35.79
CA PHE H 66 12.78 4.58 -35.73
C PHE H 66 11.38 4.05 -35.44
N PHE H 67 10.38 4.93 -35.35
CA PHE H 67 9.06 4.54 -34.86
C PHE H 67 8.43 3.47 -35.74
N LYS H 68 8.31 3.74 -37.04
CA LYS H 68 7.66 2.79 -37.94
C LYS H 68 8.34 1.42 -37.86
N ASP H 69 9.67 1.42 -37.81
CA ASP H 69 10.39 0.15 -37.69
C ASP H 69 10.13 -0.50 -36.34
N LEU H 70 10.03 0.30 -35.28
CA LEU H 70 9.71 -0.24 -33.97
C LEU H 70 8.34 -0.89 -33.97
N ILE H 71 7.34 -0.21 -34.55
CA ILE H 71 5.98 -0.74 -34.58
C ILE H 71 5.92 -2.01 -35.40
N GLU H 72 6.54 -2.01 -36.58
CA GLU H 72 6.57 -3.21 -37.41
C GLU H 72 7.22 -4.37 -36.65
N PHE H 73 8.27 -4.08 -35.89
CA PHE H 73 8.94 -5.15 -35.15
C PHE H 73 8.07 -5.70 -34.04
N MET H 74 7.43 -4.82 -33.25
CA MET H 74 6.65 -5.31 -32.12
C MET H 74 5.40 -6.07 -32.54
N VAL H 75 5.00 -5.98 -33.81
CA VAL H 75 3.90 -6.81 -34.32
C VAL H 75 4.40 -7.92 -35.22
N SER H 76 5.72 -8.07 -35.39
CA SER H 76 6.28 -9.07 -36.28
C SER H 76 6.09 -10.49 -35.78
N GLY H 77 5.69 -10.66 -34.53
CA GLY H 77 5.48 -11.95 -33.92
C GLY H 77 4.85 -11.76 -32.55
N PRO H 78 4.42 -12.84 -31.92
CA PRO H 78 3.80 -12.71 -30.59
C PRO H 78 4.82 -12.31 -29.53
N VAL H 79 4.30 -11.79 -28.41
CA VAL H 79 5.10 -11.38 -27.27
C VAL H 79 4.56 -12.07 -26.02
N VAL H 80 5.33 -11.98 -24.93
CA VAL H 80 4.91 -12.39 -23.60
C VAL H 80 4.94 -11.15 -22.71
N VAL H 81 3.80 -10.82 -22.11
CA VAL H 81 3.67 -9.68 -21.19
C VAL H 81 3.49 -10.21 -19.76
N MET H 82 4.08 -9.52 -18.79
CA MET H 82 4.13 -9.99 -17.41
C MET H 82 4.11 -8.79 -16.47
N VAL H 83 3.64 -9.02 -15.26
CA VAL H 83 3.79 -8.11 -14.13
C VAL H 83 4.80 -8.73 -13.18
N LEU H 84 5.87 -8.00 -12.89
CA LEU H 84 6.91 -8.44 -11.97
C LEU H 84 6.74 -7.67 -10.66
N GLU H 85 6.85 -8.39 -9.55
CA GLU H 85 6.66 -7.81 -8.22
C GLU H 85 7.85 -8.13 -7.33
N GLY H 86 8.27 -7.17 -6.52
CA GLY H 86 9.33 -7.41 -5.56
C GLY H 86 9.90 -6.09 -5.06
N LYS H 87 10.84 -6.22 -4.12
CA LYS H 87 11.51 -5.03 -3.62
C LYS H 87 12.28 -4.34 -4.74
N ASP H 88 12.07 -3.03 -4.90
CA ASP H 88 12.78 -2.23 -5.91
CA ASP H 88 12.73 -2.21 -5.92
C ASP H 88 12.59 -2.81 -7.31
N ALA H 89 11.38 -3.31 -7.61
CA ALA H 89 11.14 -4.04 -8.86
C ALA H 89 11.49 -3.23 -10.10
N VAL H 90 11.12 -1.95 -10.14
CA VAL H 90 11.39 -1.15 -11.34
C VAL H 90 12.89 -1.06 -11.61
N ALA H 91 13.64 -0.67 -10.58
CA ALA H 91 15.07 -0.49 -10.74
C ALA H 91 15.77 -1.84 -10.91
N LYS H 92 15.32 -2.87 -10.21
CA LYS H 92 15.97 -4.17 -10.34
C LYS H 92 15.73 -4.78 -11.72
N ASN H 93 14.51 -4.66 -12.22
CA ASN H 93 14.19 -5.10 -13.58
C ASN H 93 15.12 -4.43 -14.60
N ARG H 94 15.34 -3.11 -14.45
CA ARG H 94 16.25 -2.40 -15.32
C ARG H 94 17.68 -2.93 -15.19
N ASP H 95 18.09 -3.31 -13.98
CA ASP H 95 19.42 -3.88 -13.82
C ASP H 95 19.53 -5.18 -14.58
N LEU H 96 18.52 -6.04 -14.48
CA LEU H 96 18.56 -7.35 -15.12
C LEU H 96 18.43 -7.27 -16.62
N MET H 97 17.66 -6.31 -17.14
CA MET H 97 17.57 -6.14 -18.58
C MET H 97 18.88 -5.63 -19.13
N GLY H 98 19.52 -4.72 -18.40
CA GLY H 98 20.71 -4.07 -18.87
C GLY H 98 20.37 -2.90 -19.77
N ALA H 99 21.44 -2.24 -20.27
CA ALA H 99 21.25 -1.04 -21.08
C ALA H 99 20.35 -1.32 -22.28
N THR H 100 19.60 -0.29 -22.70
CA THR H 100 18.70 -0.42 -23.85
C THR H 100 19.43 -0.95 -25.08
N ASP H 101 20.65 -0.48 -25.32
CA ASP H 101 21.45 -0.94 -26.43
C ASP H 101 22.30 -2.11 -25.95
N PRO H 102 22.12 -3.32 -26.52
CA PRO H 102 22.91 -4.48 -26.06
C PRO H 102 24.41 -4.27 -26.18
N LYS H 103 24.85 -3.40 -27.10
CA LYS H 103 26.26 -3.07 -27.18
C LYS H 103 26.75 -2.41 -25.89
N LEU H 104 25.86 -1.70 -25.19
CA LEU H 104 26.31 -0.99 -24.01
C LEU H 104 25.91 -1.71 -22.72
N ALA H 105 25.21 -2.82 -22.83
CA ALA H 105 24.68 -3.47 -21.65
C ALA H 105 25.80 -4.21 -20.94
N GLN H 106 25.69 -4.31 -19.61
CA GLN H 106 26.67 -5.08 -18.85
C GLN H 106 26.59 -6.55 -19.22
N LYS H 107 27.75 -7.20 -19.20
CA LYS H 107 27.81 -8.62 -19.47
C LYS H 107 26.93 -9.36 -18.46
N GLY H 108 26.24 -10.40 -18.92
CA GLY H 108 25.37 -11.17 -18.08
C GLY H 108 23.96 -10.63 -17.93
N THR H 109 23.66 -9.46 -18.51
CA THR H 109 22.30 -8.95 -18.51
C THR H 109 21.50 -9.63 -19.62
N ILE H 110 20.17 -9.46 -19.55
CA ILE H 110 19.29 -10.06 -20.56
C ILE H 110 19.64 -9.56 -21.94
N ARG H 111 19.76 -8.24 -22.10
CA ARG H 111 20.02 -7.69 -23.43
C ARG H 111 21.42 -8.03 -23.91
N ALA H 112 22.39 -8.12 -23.01
CA ALA H 112 23.72 -8.58 -23.43
C ALA H 112 23.66 -10.02 -23.94
N ASP H 113 22.89 -10.88 -23.26
CA ASP H 113 22.88 -12.31 -23.59
C ASP H 113 22.05 -12.64 -24.83
N PHE H 114 20.92 -11.96 -25.03
CA PHE H 114 19.91 -12.42 -25.97
C PHE H 114 19.58 -11.42 -27.08
N ALA H 115 20.21 -10.25 -27.09
CA ALA H 115 19.90 -9.22 -28.08
C ALA H 115 21.08 -8.98 -29.00
N GLU H 116 20.77 -8.69 -30.27
CA GLU H 116 21.82 -8.39 -31.23
C GLU H 116 21.98 -6.90 -31.46
N SER H 117 20.87 -6.15 -31.46
CA SER H 117 20.94 -4.73 -31.77
C SER H 117 19.89 -3.99 -30.95
N ILE H 118 19.99 -2.67 -30.97
CA ILE H 118 18.99 -1.88 -30.26
C ILE H 118 17.62 -2.03 -30.91
N ASP H 119 17.58 -2.34 -32.21
CA ASP H 119 16.30 -2.53 -32.90
C ASP H 119 15.57 -3.76 -32.41
N ALA H 120 16.30 -4.81 -32.04
CA ALA H 120 15.72 -6.07 -31.56
C ALA H 120 16.45 -6.39 -30.25
N ASN H 121 15.99 -5.79 -29.15
CA ASN H 121 16.69 -5.85 -27.87
C ASN H 121 15.96 -6.69 -26.83
N ALA H 122 15.24 -7.72 -27.30
CA ALA H 122 14.81 -8.86 -26.48
C ALA H 122 13.70 -8.56 -25.47
N VAL H 123 13.84 -7.51 -24.65
CA VAL H 123 12.94 -7.28 -23.53
C VAL H 123 12.64 -5.79 -23.42
N HIS H 124 11.44 -5.50 -22.91
CA HIS H 124 11.01 -4.20 -22.45
C HIS H 124 10.77 -4.22 -20.94
N GLY H 125 11.01 -3.08 -20.30
CA GLY H 125 10.60 -2.91 -18.91
C GLY H 125 10.26 -1.47 -18.62
N SER H 126 9.31 -1.26 -17.72
CA SER H 126 8.92 0.10 -17.34
C SER H 126 10.12 0.88 -16.81
N ASP H 127 10.26 2.13 -17.24
CA ASP H 127 11.45 2.90 -16.84
C ASP H 127 11.22 3.73 -15.56
N SER H 128 10.01 3.70 -15.00
CA SER H 128 9.71 4.46 -13.78
C SER H 128 8.48 3.84 -13.12
N LEU H 129 8.28 4.17 -11.84
CA LEU H 129 7.10 3.68 -11.14
C LEU H 129 5.82 4.26 -11.76
N GLU H 130 5.85 5.55 -12.15
CA GLU H 130 4.68 6.17 -12.78
C GLU H 130 4.31 5.49 -14.10
N ASN H 131 5.31 5.24 -14.94
CA ASN H 131 5.07 4.58 -16.22
C ASN H 131 4.63 3.13 -16.02
N ALA H 132 5.14 2.47 -14.98
CA ALA H 132 4.70 1.11 -14.67
C ALA H 132 3.21 1.05 -14.37
N HIS H 133 2.69 2.03 -13.64
CA HIS H 133 1.26 2.02 -13.33
C HIS H 133 0.43 2.03 -14.61
N ASN H 134 0.77 2.92 -15.56
CA ASN H 134 0.02 3.00 -16.80
C ASN H 134 0.26 1.79 -17.69
N GLU H 135 1.50 1.29 -17.74
CA GLU H 135 1.80 0.16 -18.63
C GLU H 135 1.14 -1.11 -18.14
N ILE H 136 1.16 -1.37 -16.84
CA ILE H 136 0.45 -2.53 -16.30
C ILE H 136 -1.04 -2.43 -16.59
N ALA H 137 -1.63 -1.26 -16.35
CA ALA H 137 -3.07 -1.09 -16.57
C ALA H 137 -3.44 -1.19 -18.04
N PHE H 138 -2.49 -0.91 -18.93
CA PHE H 138 -2.72 -1.06 -20.37
C PHE H 138 -2.98 -2.50 -20.77
N PHE H 139 -2.31 -3.44 -20.10
CA PHE H 139 -2.40 -4.84 -20.51
C PHE H 139 -3.26 -5.71 -19.60
N PHE H 140 -3.52 -5.26 -18.38
CA PHE H 140 -4.17 -6.09 -17.38
C PHE H 140 -5.29 -5.33 -16.69
N ALA H 141 -6.45 -5.95 -16.59
CA ALA H 141 -7.46 -5.47 -15.66
C ALA H 141 -6.94 -5.62 -14.25
N ALA H 142 -7.33 -4.70 -13.37
CA ALA H 142 -6.80 -4.75 -12.02
C ALA H 142 -7.20 -6.02 -11.29
N ARG H 143 -8.36 -6.57 -11.63
CA ARG H 143 -8.80 -7.82 -10.99
C ARG H 143 -7.90 -8.99 -11.35
N ASP H 144 -7.12 -8.88 -12.41
CA ASP H 144 -6.26 -9.98 -12.80
C ASP H 144 -4.92 -9.97 -12.07
N LEU H 145 -4.72 -9.03 -11.15
CA LEU H 145 -3.47 -8.94 -10.41
C LEU H 145 -3.72 -9.28 -8.96
#